data_5GHS
#
_entry.id   5GHS
#
_cell.length_a   48.040
_cell.length_b   116.277
_cell.length_c   235.401
_cell.angle_alpha   90.00
_cell.angle_beta   90.00
_cell.angle_gamma   90.00
#
_symmetry.space_group_name_H-M   'P 21 21 21'
#
loop_
_entity.id
_entity.type
_entity.pdbx_description
1 polymer 'SsDNA-specific exonuclease'
2 polymer 'Putative uncharacterized protein'
3 non-polymer 'SULFATE ION'
4 water water
#
loop_
_entity_poly.entity_id
_entity_poly.type
_entity_poly.pdbx_seq_one_letter_code
_entity_poly.pdbx_strand_id
1 'polypeptide(L)'
;MDKEAFLERVREGAELIKMHIELGHTIRLISHRDADGITAGAILAKAVAREGGTFQLSIVKQVSEELIDQLAREKREIYV
FSDLGSGSIELIEEKLNFATVVVADHHPPEKDSFSTDSHVLVNPVPFGANSVRDLSGSGVAYFVAREMNRKNRDMAYVAI
VGAVGDMQEIDGTFHGLNLEIIEDGKELGILEVRKELRLFGRESRPLYQMLAYATNPEIPEITGDERKAIEWLRAKGFDP
EMKYWQLREEEKRKLHEALLVHMIKHGAPKEAIDRLIGDVVISPLYPEGDVRHEAREFATLLNATGRLNAGTLGVAICLG
DEEAYKVARKMLDDYKKEQIEARKFIIQNWNMVEEGEHAYVFYAGKNIRDTLVGIAANMAINAGLADPEKPVVVLADSDE
DENLVKGSARTTEKALEKGYHLGEALKEVAEKLGGEGGGHAIAAGIRFPKNRIDEFIKLFNEALGRQVKGGGSEGEG
;
A,B
2 'polypeptide(L)' MGSSHHHHHHSSGENLYFQGHMSKEVPKEAYIIQIDLPAVLGPDMKEYGPFMAGDMAIIPTVIGRALVEREAARRVRIFL C,D
#
loop_
_chem_comp.id
_chem_comp.type
_chem_comp.name
_chem_comp.formula
SO4 non-polymer 'SULFATE ION' 'O4 S -2'
#
# COMPACT_ATOMS: atom_id res chain seq x y z
N MET A 1 26.58 12.77 39.47
CA MET A 1 25.39 12.32 38.77
C MET A 1 24.15 12.56 39.63
N ASP A 2 24.36 12.99 40.87
CA ASP A 2 23.27 13.30 41.79
C ASP A 2 22.30 12.13 41.91
N LYS A 3 22.77 11.03 42.48
CA LYS A 3 21.99 9.80 42.54
C LYS A 3 20.76 9.93 43.43
N GLU A 4 20.86 10.73 44.48
CA GLU A 4 19.75 10.91 45.42
C GLU A 4 18.55 11.56 44.74
N ALA A 5 18.82 12.56 43.90
CA ALA A 5 17.76 13.27 43.19
C ALA A 5 17.06 12.36 42.19
N PHE A 6 17.79 11.41 41.63
CA PHE A 6 17.21 10.43 40.72
C PHE A 6 16.37 9.41 41.49
N LEU A 7 16.92 8.97 42.62
CA LEU A 7 16.22 8.02 43.48
C LEU A 7 14.93 8.61 44.04
N GLU A 8 14.88 9.93 44.15
CA GLU A 8 13.65 10.58 44.58
C GLU A 8 12.53 10.32 43.57
N ARG A 9 12.83 10.57 42.30
CA ARG A 9 11.90 10.30 41.21
C ARG A 9 11.53 8.82 41.13
N VAL A 10 12.54 7.96 41.28
CA VAL A 10 12.33 6.52 41.25
C VAL A 10 11.32 6.10 42.31
N ARG A 11 11.55 6.56 43.54
CA ARG A 11 10.66 6.24 44.65
C ARG A 11 9.27 6.80 44.42
N GLU A 12 9.20 7.96 43.78
CA GLU A 12 7.90 8.56 43.46
C GLU A 12 7.10 7.65 42.52
N GLY A 13 7.70 7.31 41.38
CA GLY A 13 7.04 6.45 40.41
C GLY A 13 6.64 5.11 40.98
N ALA A 14 7.57 4.50 41.72
CA ALA A 14 7.31 3.22 42.38
C ALA A 14 6.10 3.33 43.31
N GLU A 15 6.09 4.38 44.12
CA GLU A 15 5.01 4.61 45.06
C GLU A 15 3.68 4.77 44.36
N LEU A 16 3.69 5.47 43.23
CA LEU A 16 2.51 5.63 42.41
C LEU A 16 1.96 4.28 41.94
N ILE A 17 2.85 3.47 41.36
CA ILE A 17 2.48 2.15 40.90
C ILE A 17 1.88 1.29 42.02
N LYS A 18 2.54 1.28 43.18
CA LYS A 18 2.05 0.52 44.33
C LYS A 18 0.69 1.01 44.81
N MET A 19 0.50 2.33 44.77
CA MET A 19 -0.77 2.93 45.15
C MET A 19 -1.88 2.43 44.25
N HIS A 20 -1.66 2.49 42.95
CA HIS A 20 -2.66 2.02 42.00
C HIS A 20 -2.92 0.51 42.09
N ILE A 21 -1.88 -0.26 42.41
CA ILE A 21 -2.05 -1.70 42.62
C ILE A 21 -2.94 -1.96 43.83
N GLU A 22 -2.66 -1.27 44.93
CA GLU A 22 -3.43 -1.43 46.16
C GLU A 22 -4.89 -1.01 45.96
N LEU A 23 -5.11 -0.11 45.01
CA LEU A 23 -6.45 0.36 44.68
C LEU A 23 -7.15 -0.63 43.74
N GLY A 24 -6.42 -1.66 43.33
CA GLY A 24 -6.97 -2.70 42.48
C GLY A 24 -7.02 -2.35 41.01
N HIS A 25 -6.37 -1.25 40.64
CA HIS A 25 -6.38 -0.79 39.25
C HIS A 25 -5.47 -1.63 38.35
N THR A 26 -5.78 -1.63 37.06
CA THR A 26 -4.96 -2.32 36.09
C THR A 26 -3.78 -1.46 35.66
N ILE A 27 -2.57 -1.94 35.91
CA ILE A 27 -1.36 -1.21 35.57
C ILE A 27 -1.05 -1.39 34.08
N ARG A 28 -1.29 -0.36 33.28
CA ARG A 28 -1.12 -0.48 31.83
C ARG A 28 0.34 -0.24 31.41
N LEU A 29 1.06 -1.32 31.14
CA LEU A 29 2.47 -1.22 30.78
C LEU A 29 2.67 -1.14 29.26
N ILE A 30 3.60 -0.29 28.83
CA ILE A 30 3.94 -0.17 27.42
C ILE A 30 5.45 -0.13 27.29
N SER A 31 6.04 -1.07 26.55
CA SER A 31 7.50 -1.05 26.41
C SER A 31 8.00 -1.22 24.98
N HIS A 32 9.28 -0.91 24.78
CA HIS A 32 9.91 -0.92 23.47
C HIS A 32 10.21 -2.35 22.96
N ARG A 33 10.55 -2.46 21.69
CA ARG A 33 10.62 -3.75 20.99
C ARG A 33 11.95 -4.51 21.12
N ASP A 34 13.04 -3.80 21.39
CA ASP A 34 14.35 -4.46 21.49
C ASP A 34 14.57 -5.16 22.84
N ALA A 35 15.79 -5.65 23.05
CA ALA A 35 16.13 -6.40 24.25
C ALA A 35 15.94 -5.56 25.51
N ASP A 36 16.37 -4.31 25.43
CA ASP A 36 16.27 -3.38 26.56
C ASP A 36 14.80 -3.18 26.95
N GLY A 37 13.96 -2.92 25.96
CA GLY A 37 12.54 -2.70 26.19
C GLY A 37 11.80 -3.95 26.63
N ILE A 38 12.18 -5.09 26.07
CA ILE A 38 11.54 -6.36 26.43
C ILE A 38 11.88 -6.74 27.87
N THR A 39 13.15 -6.60 28.24
CA THR A 39 13.58 -6.88 29.61
C THR A 39 12.97 -5.88 30.59
N ALA A 40 12.86 -4.61 30.18
CA ALA A 40 12.20 -3.60 30.99
C ALA A 40 10.75 -3.99 31.28
N GLY A 41 10.03 -4.35 30.21
CA GLY A 41 8.66 -4.78 30.33
C GLY A 41 8.50 -6.00 31.22
N ALA A 42 9.44 -6.94 31.10
CA ALA A 42 9.44 -8.13 31.93
C ALA A 42 9.59 -7.75 33.40
N ILE A 43 10.58 -6.91 33.67
CA ILE A 43 10.86 -6.46 35.03
C ILE A 43 9.63 -5.80 35.66
N LEU A 44 9.01 -4.89 34.93
CA LEU A 44 7.82 -4.21 35.47
C LEU A 44 6.61 -5.13 35.63
N ALA A 45 6.42 -6.04 34.68
CA ALA A 45 5.33 -7.01 34.77
C ALA A 45 5.48 -7.89 36.01
N LYS A 46 6.70 -8.34 36.27
CA LYS A 46 6.97 -9.13 37.46
C LYS A 46 6.81 -8.29 38.73
N ALA A 47 7.22 -7.02 38.65
CA ALA A 47 7.05 -6.10 39.77
C ALA A 47 5.59 -5.99 40.16
N VAL A 48 4.72 -5.83 39.16
CA VAL A 48 3.29 -5.73 39.41
C VAL A 48 2.71 -7.06 39.92
N ALA A 49 3.04 -8.15 39.24
CA ALA A 49 2.52 -9.46 39.63
C ALA A 49 2.92 -9.87 41.05
N ARG A 50 4.11 -9.45 41.47
CA ARG A 50 4.62 -9.83 42.79
C ARG A 50 3.83 -9.19 43.92
N GLU A 51 3.21 -8.05 43.64
CA GLU A 51 2.37 -7.37 44.63
C GLU A 51 0.94 -7.88 44.57
N GLY A 52 0.71 -8.90 43.74
CA GLY A 52 -0.63 -9.46 43.57
C GLY A 52 -1.52 -8.54 42.74
N GLY A 53 -0.89 -7.73 41.90
CA GLY A 53 -1.61 -6.77 41.08
C GLY A 53 -1.87 -7.28 39.68
N THR A 54 -2.62 -6.50 38.91
CA THR A 54 -3.00 -6.88 37.55
C THR A 54 -2.39 -5.92 36.53
N PHE A 55 -1.75 -6.45 35.50
CA PHE A 55 -1.16 -5.62 34.46
C PHE A 55 -1.69 -5.97 33.06
N GLN A 56 -1.45 -5.08 32.12
CA GLN A 56 -1.62 -5.36 30.70
C GLN A 56 -0.49 -4.71 29.94
N LEU A 57 0.38 -5.53 29.36
CA LEU A 57 1.60 -5.06 28.74
C LEU A 57 1.56 -5.18 27.21
N SER A 58 2.01 -4.12 26.55
CA SER A 58 2.15 -4.14 25.09
C SER A 58 3.57 -3.81 24.68
N ILE A 59 4.12 -4.61 23.78
CA ILE A 59 5.45 -4.36 23.23
C ILE A 59 5.30 -3.70 21.87
N VAL A 60 5.71 -2.44 21.77
CA VAL A 60 5.49 -1.66 20.56
C VAL A 60 6.79 -1.24 19.90
N LYS A 61 6.70 -0.84 18.63
CA LYS A 61 7.88 -0.39 17.90
C LYS A 61 8.36 0.97 18.38
N GLN A 62 7.40 1.83 18.72
CA GLN A 62 7.69 3.20 19.13
C GLN A 62 6.41 3.86 19.61
N VAL A 63 6.53 4.88 20.45
CA VAL A 63 5.37 5.68 20.80
C VAL A 63 5.01 6.58 19.62
N SER A 64 3.81 6.40 19.09
CA SER A 64 3.32 7.22 18.00
C SER A 64 2.08 7.95 18.47
N GLU A 65 1.65 8.93 17.70
CA GLU A 65 0.44 9.69 18.03
C GLU A 65 -0.76 8.76 18.03
N GLU A 66 -0.78 7.82 17.09
CA GLU A 66 -1.86 6.85 16.98
C GLU A 66 -1.90 5.94 18.20
N LEU A 67 -0.73 5.48 18.65
CA LEU A 67 -0.64 4.61 19.81
C LEU A 67 -1.15 5.33 21.06
N ILE A 68 -0.73 6.57 21.25
CA ILE A 68 -1.17 7.36 22.39
C ILE A 68 -2.67 7.60 22.32
N ASP A 69 -3.19 7.76 21.10
CA ASP A 69 -4.64 7.87 20.91
C ASP A 69 -5.37 6.59 21.36
N GLN A 70 -4.82 5.44 20.99
CA GLN A 70 -5.39 4.15 21.39
C GLN A 70 -5.39 3.98 22.90
N LEU A 71 -4.23 4.22 23.50
CA LEU A 71 -4.07 4.12 24.95
C LEU A 71 -5.02 5.08 25.67
N ALA A 72 -5.19 6.28 25.11
CA ALA A 72 -6.09 7.27 25.67
C ALA A 72 -7.52 6.75 25.64
N ARG A 73 -7.93 6.24 24.48
CA ARG A 73 -9.27 5.69 24.33
C ARG A 73 -9.50 4.48 25.23
N GLU A 74 -8.43 3.84 25.67
CA GLU A 74 -8.53 2.74 26.64
C GLU A 74 -9.07 3.22 27.98
N LYS A 75 -8.78 4.48 28.32
CA LYS A 75 -9.24 5.10 29.56
C LYS A 75 -8.80 4.33 30.82
N ARG A 76 -7.50 4.17 30.98
CA ARG A 76 -6.95 3.50 32.16
C ARG A 76 -6.78 4.49 33.30
N GLU A 77 -6.49 3.97 34.48
CA GLU A 77 -6.16 4.82 35.62
C GLU A 77 -4.65 5.12 35.62
N ILE A 78 -3.86 4.18 35.12
CA ILE A 78 -2.41 4.34 35.14
C ILE A 78 -1.66 3.71 33.96
N TYR A 79 -0.81 4.52 33.33
CA TYR A 79 0.03 4.09 32.23
C TYR A 79 1.50 4.18 32.63
N VAL A 80 2.24 3.09 32.44
CA VAL A 80 3.68 3.10 32.68
C VAL A 80 4.42 2.81 31.39
N PHE A 81 5.21 3.77 30.94
CA PHE A 81 6.02 3.63 29.74
C PHE A 81 7.44 3.22 30.11
N SER A 82 7.93 2.16 29.48
CA SER A 82 9.23 1.59 29.75
C SER A 82 10.11 1.71 28.52
N ASP A 83 11.32 2.23 28.70
CA ASP A 83 12.27 2.40 27.59
C ASP A 83 11.66 3.20 26.45
N LEU A 84 10.72 4.08 26.78
CA LEU A 84 9.98 4.89 25.81
C LEU A 84 9.41 6.10 26.52
N GLY A 85 9.07 7.14 25.75
CA GLY A 85 8.31 8.25 26.29
C GLY A 85 9.03 9.57 26.49
N SER A 86 10.35 9.52 26.70
CA SER A 86 11.13 10.73 27.00
C SER A 86 11.09 11.76 25.89
N GLY A 87 10.97 11.30 24.65
CA GLY A 87 10.90 12.21 23.51
C GLY A 87 9.48 12.67 23.23
N SER A 88 8.55 12.25 24.08
CA SER A 88 7.13 12.54 23.88
C SER A 88 6.46 12.94 25.18
N ILE A 89 7.10 13.81 25.96
CA ILE A 89 6.54 14.24 27.24
C ILE A 89 5.25 15.05 27.10
N GLU A 90 5.25 16.02 26.19
CA GLU A 90 4.06 16.84 25.97
C GLU A 90 2.89 16.01 25.45
N LEU A 91 3.15 15.23 24.40
CA LEU A 91 2.15 14.35 23.81
C LEU A 91 1.45 13.53 24.89
N ILE A 92 2.25 12.76 25.63
CA ILE A 92 1.74 11.94 26.72
C ILE A 92 0.99 12.80 27.75
N GLU A 93 1.52 13.98 28.04
CA GLU A 93 0.88 14.85 29.02
C GLU A 93 -0.40 15.43 28.46
N GLU A 94 -0.47 15.54 27.13
CA GLU A 94 -1.63 16.11 26.46
C GLU A 94 -2.79 15.11 26.41
N LYS A 95 -2.51 13.91 25.91
CA LYS A 95 -3.57 12.94 25.64
C LYS A 95 -3.85 11.99 26.80
N LEU A 96 -2.96 11.99 27.80
CA LEU A 96 -3.15 11.13 28.97
C LEU A 96 -3.19 11.93 30.26
N ASN A 97 -3.62 13.19 30.16
CA ASN A 97 -3.71 14.09 31.31
C ASN A 97 -4.67 13.59 32.38
N PHE A 98 -5.67 12.81 31.95
CA PHE A 98 -6.71 12.33 32.85
C PHE A 98 -6.21 11.24 33.79
N ALA A 99 -5.06 10.66 33.48
CA ALA A 99 -4.57 9.50 34.22
C ALA A 99 -3.19 9.70 34.81
N THR A 100 -2.86 8.84 35.77
CA THR A 100 -1.51 8.76 36.30
C THR A 100 -0.60 8.15 35.24
N VAL A 101 0.53 8.79 34.96
CA VAL A 101 1.52 8.18 34.09
C VAL A 101 2.91 8.22 34.70
N VAL A 102 3.65 7.14 34.48
CA VAL A 102 5.04 7.07 34.89
C VAL A 102 5.88 6.77 33.65
N VAL A 103 6.91 7.55 33.41
CA VAL A 103 7.84 7.23 32.33
C VAL A 103 9.18 6.83 32.92
N ALA A 104 9.51 5.54 32.76
CA ALA A 104 10.81 5.01 33.14
C ALA A 104 11.63 4.82 31.88
N ASP A 105 12.58 5.73 31.65
CA ASP A 105 13.34 5.74 30.41
C ASP A 105 14.71 6.35 30.65
N HIS A 106 15.59 6.28 29.65
CA HIS A 106 16.97 6.74 29.82
C HIS A 106 17.42 7.52 28.60
N HIS A 107 16.55 7.64 27.61
CA HIS A 107 16.85 8.48 26.44
C HIS A 107 16.77 9.94 26.85
N PRO A 108 17.55 10.81 26.19
CA PRO A 108 17.48 12.24 26.48
C PRO A 108 16.06 12.77 26.31
N PRO A 109 15.47 13.30 27.39
CA PRO A 109 14.05 13.69 27.41
C PRO A 109 13.77 15.07 26.79
N GLU A 110 12.56 15.21 26.27
CA GLU A 110 12.08 16.45 25.68
C GLU A 110 12.01 17.56 26.72
N LYS A 111 11.68 17.17 27.95
CA LYS A 111 11.64 18.10 29.06
C LYS A 111 12.28 17.49 30.31
N ASP A 112 12.51 18.32 31.31
CA ASP A 112 13.13 17.89 32.57
C ASP A 112 12.17 17.03 33.38
N SER A 113 10.87 17.27 33.20
CA SER A 113 9.84 16.57 33.94
C SER A 113 8.47 16.91 33.35
N PHE A 114 7.44 16.23 33.83
CA PHE A 114 6.07 16.58 33.46
C PHE A 114 5.63 17.80 34.26
N SER A 115 4.72 18.59 33.71
CA SER A 115 4.27 19.82 34.37
C SER A 115 3.14 19.58 35.37
N THR A 116 2.29 18.59 35.10
CA THR A 116 1.20 18.27 35.99
C THR A 116 1.58 17.21 37.01
N ASP A 117 0.88 17.19 38.14
CA ASP A 117 1.08 16.16 39.15
C ASP A 117 0.60 14.81 38.65
N SER A 118 0.92 13.76 39.39
CA SER A 118 0.54 12.39 39.04
C SER A 118 1.17 11.90 37.73
N HIS A 119 2.02 12.75 37.14
CA HIS A 119 2.82 12.38 35.98
C HIS A 119 4.29 12.50 36.36
N VAL A 120 4.96 11.36 36.52
CA VAL A 120 6.36 11.39 36.95
C VAL A 120 7.32 10.83 35.89
N LEU A 121 8.38 11.59 35.61
CA LEU A 121 9.41 11.15 34.68
C LEU A 121 10.58 10.55 35.45
N VAL A 122 10.74 9.24 35.35
CA VAL A 122 11.88 8.57 35.97
C VAL A 122 12.97 8.37 34.92
N ASN A 123 13.91 9.33 34.87
CA ASN A 123 14.96 9.35 33.87
C ASN A 123 16.24 9.89 34.51
N PRO A 124 17.35 9.15 34.37
CA PRO A 124 18.61 9.55 35.00
C PRO A 124 19.29 10.71 34.29
N VAL A 125 19.02 10.86 33.00
CA VAL A 125 19.69 11.88 32.17
C VAL A 125 19.59 13.32 32.69
N PRO A 126 18.40 13.78 33.10
CA PRO A 126 18.33 15.14 33.66
C PRO A 126 19.11 15.31 34.97
N PHE A 127 19.75 14.25 35.46
CA PHE A 127 20.54 14.35 36.68
C PHE A 127 22.04 14.25 36.40
N GLY A 128 22.39 14.14 35.11
CA GLY A 128 23.78 14.16 34.71
C GLY A 128 24.29 12.83 34.18
N ALA A 129 23.43 11.81 34.22
CA ALA A 129 23.82 10.49 33.75
C ALA A 129 24.00 10.44 32.24
N ASN A 130 24.96 9.65 31.78
CA ASN A 130 25.17 9.44 30.36
C ASN A 130 24.17 8.42 29.84
N SER A 131 23.41 8.82 28.83
CA SER A 131 22.31 8.00 28.30
C SER A 131 22.76 6.62 27.81
N VAL A 132 23.97 6.54 27.27
CA VAL A 132 24.39 5.32 26.58
C VAL A 132 25.33 4.43 27.40
N ARG A 133 25.69 4.84 28.61
CA ARG A 133 26.62 4.04 29.41
C ARG A 133 26.35 4.03 30.92
N ASP A 134 25.48 4.91 31.40
CA ASP A 134 25.20 4.97 32.84
C ASP A 134 24.04 4.09 33.28
N LEU A 135 23.06 3.92 32.39
CA LEU A 135 21.89 3.08 32.68
C LEU A 135 21.07 2.90 31.41
N SER A 136 20.51 1.71 31.24
CA SER A 136 19.61 1.44 30.12
C SER A 136 18.17 1.52 30.58
N GLY A 137 17.23 1.34 29.67
CA GLY A 137 15.81 1.38 30.00
C GLY A 137 15.43 0.30 30.99
N SER A 138 15.94 -0.91 30.76
CA SER A 138 15.72 -2.02 31.66
C SER A 138 16.34 -1.73 33.02
N GLY A 139 17.42 -0.95 33.02
CA GLY A 139 18.07 -0.55 34.25
C GLY A 139 17.18 0.32 35.12
N VAL A 140 16.58 1.36 34.55
CA VAL A 140 15.70 2.22 35.30
C VAL A 140 14.42 1.47 35.71
N ALA A 141 13.92 0.62 34.81
CA ALA A 141 12.81 -0.26 35.17
C ALA A 141 13.17 -1.09 36.41
N TYR A 142 14.42 -1.54 36.45
CA TYR A 142 14.93 -2.31 37.57
C TYR A 142 14.98 -1.49 38.85
N PHE A 143 15.43 -0.24 38.74
CA PHE A 143 15.48 0.64 39.90
C PHE A 143 14.08 0.86 40.48
N VAL A 144 13.12 1.13 39.60
CA VAL A 144 11.74 1.32 40.02
C VAL A 144 11.17 0.06 40.70
N ALA A 145 11.38 -1.08 40.07
CA ALA A 145 10.91 -2.35 40.63
C ALA A 145 11.55 -2.65 41.98
N ARG A 146 12.83 -2.28 42.12
CA ARG A 146 13.55 -2.51 43.36
C ARG A 146 13.00 -1.62 44.47
N GLU A 147 12.66 -0.38 44.14
CA GLU A 147 12.02 0.50 45.11
C GLU A 147 10.64 -0.02 45.48
N MET A 148 9.95 -0.65 44.54
CA MET A 148 8.67 -1.27 44.82
C MET A 148 8.81 -2.40 45.84
N ASN A 149 9.88 -3.19 45.69
CA ASN A 149 10.09 -4.39 46.49
C ASN A 149 11.49 -4.94 46.27
N ARG A 150 12.27 -5.07 47.33
CA ARG A 150 13.65 -5.55 47.24
C ARG A 150 13.79 -6.91 46.57
N LYS A 151 12.75 -7.73 46.67
CA LYS A 151 12.76 -9.06 46.05
C LYS A 151 13.03 -8.98 44.55
N ASN A 152 12.58 -7.89 43.94
CA ASN A 152 12.78 -7.68 42.51
C ASN A 152 14.24 -7.60 42.09
N ARG A 153 15.14 -7.61 43.07
CA ARG A 153 16.57 -7.70 42.78
C ARG A 153 16.88 -9.01 42.05
N ASP A 154 15.98 -10.00 42.17
CA ASP A 154 16.15 -11.24 41.44
C ASP A 154 15.98 -11.06 39.92
N MET A 155 15.68 -9.83 39.51
CA MET A 155 15.60 -9.50 38.09
C MET A 155 16.87 -8.82 37.59
N ALA A 156 17.85 -8.68 38.46
CA ALA A 156 19.13 -8.04 38.13
C ALA A 156 19.71 -8.53 36.80
N TYR A 157 19.89 -9.85 36.69
CA TYR A 157 20.43 -10.43 35.47
C TYR A 157 19.61 -10.00 34.26
N VAL A 158 18.28 -10.09 34.38
CA VAL A 158 17.40 -9.67 33.29
C VAL A 158 17.75 -8.23 32.88
N ALA A 159 17.85 -7.36 33.88
CA ALA A 159 18.21 -5.96 33.63
C ALA A 159 19.52 -5.89 32.85
N ILE A 160 20.52 -6.64 33.31
CA ILE A 160 21.83 -6.59 32.68
C ILE A 160 21.74 -7.08 31.24
N VAL A 161 20.87 -8.05 30.99
CA VAL A 161 20.67 -8.51 29.61
C VAL A 161 20.26 -7.32 28.77
N GLY A 162 19.25 -6.59 29.24
CA GLY A 162 18.83 -5.37 28.59
C GLY A 162 20.00 -4.42 28.41
N ALA A 163 20.78 -4.26 29.48
CA ALA A 163 21.93 -3.36 29.46
C ALA A 163 22.91 -3.74 28.36
N VAL A 164 23.09 -5.05 28.16
CA VAL A 164 24.03 -5.52 27.15
C VAL A 164 23.42 -5.33 25.76
N GLY A 165 22.09 -5.48 25.68
CA GLY A 165 21.40 -5.26 24.42
C GLY A 165 21.55 -3.82 23.98
N ASP A 166 21.54 -2.92 24.95
CA ASP A 166 21.65 -1.49 24.69
C ASP A 166 23.11 -1.08 24.54
N MET A 167 24.01 -2.06 24.63
CA MET A 167 25.45 -1.85 24.46
C MET A 167 26.05 -0.84 25.44
N GLN A 168 25.55 -0.88 26.68
CA GLN A 168 26.04 -0.02 27.73
C GLN A 168 27.50 -0.32 28.10
N GLU A 169 27.95 -1.52 27.75
CA GLU A 169 29.33 -1.93 28.04
C GLU A 169 30.17 -2.02 26.76
N ILE A 170 29.90 -1.11 25.83
CA ILE A 170 30.58 -1.09 24.53
C ILE A 170 32.11 -1.03 24.67
N ASP A 171 32.59 -0.47 25.77
CA ASP A 171 34.03 -0.27 25.95
C ASP A 171 34.70 -1.39 26.75
N GLY A 172 33.95 -2.46 26.99
CA GLY A 172 34.52 -3.64 27.63
C GLY A 172 34.22 -3.80 29.10
N THR A 173 33.53 -2.81 29.67
CA THR A 173 33.19 -2.86 31.09
C THR A 173 31.94 -2.02 31.37
N PHE A 174 31.32 -2.24 32.53
CA PHE A 174 30.11 -1.52 32.91
C PHE A 174 30.43 -0.24 33.67
N HIS A 175 29.50 0.72 33.63
CA HIS A 175 29.70 2.00 34.28
C HIS A 175 28.43 2.53 34.94
N GLY A 176 28.59 3.43 35.89
CA GLY A 176 27.47 4.09 36.53
C GLY A 176 26.55 3.14 37.28
N LEU A 177 25.27 3.47 37.24
CA LEU A 177 24.25 2.74 38.00
C LEU A 177 24.17 1.26 37.63
N ASN A 178 24.54 0.93 36.40
CA ASN A 178 24.67 -0.46 35.96
C ASN A 178 25.45 -1.28 36.98
N LEU A 179 26.58 -0.73 37.43
CA LEU A 179 27.43 -1.40 38.41
C LEU A 179 26.62 -1.86 39.61
N GLU A 180 25.80 -0.95 40.13
CA GLU A 180 24.96 -1.23 41.28
C GLU A 180 24.14 -2.50 41.00
N ILE A 181 23.45 -2.50 39.87
CA ILE A 181 22.63 -3.64 39.46
C ILE A 181 23.47 -4.91 39.47
N ILE A 182 24.66 -4.83 38.86
CA ILE A 182 25.54 -5.99 38.80
C ILE A 182 25.80 -6.53 40.19
N GLU A 183 26.14 -5.64 41.12
CA GLU A 183 26.43 -6.06 42.49
C GLU A 183 25.26 -6.83 43.07
N ASP A 184 24.05 -6.33 42.84
CA ASP A 184 22.86 -7.00 43.33
C ASP A 184 22.86 -8.43 42.84
N GLY A 185 23.05 -8.60 41.54
CA GLY A 185 23.11 -9.93 40.94
C GLY A 185 24.15 -10.78 41.65
N LYS A 186 25.34 -10.21 41.84
CA LYS A 186 26.42 -10.93 42.46
C LYS A 186 26.04 -11.40 43.86
N GLU A 187 25.33 -10.55 44.59
CA GLU A 187 24.96 -10.87 45.95
C GLU A 187 23.98 -12.03 46.00
N LEU A 188 23.22 -12.21 44.92
CA LEU A 188 22.22 -13.26 44.87
C LEU A 188 22.75 -14.53 44.20
N GLY A 189 23.89 -14.41 43.53
CA GLY A 189 24.46 -15.54 42.82
C GLY A 189 23.69 -15.87 41.55
N ILE A 190 22.97 -14.88 41.03
CA ILE A 190 22.22 -15.06 39.79
C ILE A 190 22.99 -14.52 38.58
N LEU A 191 24.14 -13.90 38.83
CA LEU A 191 25.04 -13.51 37.75
C LEU A 191 26.49 -13.45 38.20
N GLU A 192 27.38 -13.60 37.23
CA GLU A 192 28.82 -13.53 37.46
C GLU A 192 29.46 -12.83 36.27
N VAL A 193 30.55 -12.11 36.53
CA VAL A 193 31.23 -11.38 35.46
C VAL A 193 32.58 -12.01 35.14
N ARG A 194 32.74 -12.44 33.89
CA ARG A 194 33.97 -13.08 33.45
C ARG A 194 34.79 -12.14 32.58
N LYS A 195 36.12 -12.27 32.67
CA LYS A 195 37.00 -11.58 31.73
C LYS A 195 37.24 -12.47 30.54
N GLU A 196 36.46 -12.28 29.48
CA GLU A 196 36.49 -13.19 28.34
C GLU A 196 36.35 -12.50 26.98
N LEU A 197 36.39 -13.33 25.94
CA LEU A 197 36.16 -12.89 24.56
C LEU A 197 34.78 -12.27 24.45
N ARG A 198 34.73 -10.95 24.30
CA ARG A 198 33.47 -10.21 24.31
C ARG A 198 32.54 -10.46 23.13
N LEU A 199 32.95 -11.33 22.22
CA LEU A 199 32.18 -11.54 20.98
C LEU A 199 30.90 -12.34 21.20
N PHE A 200 29.96 -12.15 20.28
CA PHE A 200 28.72 -12.90 20.29
C PHE A 200 28.94 -14.35 19.85
N GLY A 201 28.36 -15.28 20.58
CA GLY A 201 28.35 -16.68 20.16
C GLY A 201 29.08 -17.65 21.06
N ARG A 202 29.27 -17.28 22.33
CA ARG A 202 30.00 -18.15 23.24
C ARG A 202 29.18 -19.37 23.67
N GLU A 203 27.86 -19.28 23.53
CA GLU A 203 26.98 -20.35 24.00
C GLU A 203 26.49 -21.25 22.88
N SER A 204 26.17 -20.65 21.74
CA SER A 204 25.47 -21.38 20.68
C SER A 204 26.16 -21.37 19.32
N ARG A 205 27.35 -20.79 19.26
CA ARG A 205 28.05 -20.70 17.98
C ARG A 205 29.37 -21.44 17.95
N PRO A 206 29.68 -22.08 16.81
CA PRO A 206 30.99 -22.68 16.58
C PRO A 206 32.04 -21.58 16.63
N LEU A 207 33.25 -21.90 17.08
CA LEU A 207 34.31 -20.92 17.20
C LEU A 207 34.51 -20.14 15.90
N TYR A 208 34.40 -20.82 14.76
CA TYR A 208 34.66 -20.20 13.48
C TYR A 208 33.62 -19.15 13.11
N GLN A 209 32.38 -19.36 13.53
CA GLN A 209 31.34 -18.37 13.32
C GLN A 209 31.42 -17.25 14.35
N MET A 210 31.87 -17.59 15.55
CA MET A 210 32.09 -16.59 16.58
C MET A 210 33.17 -15.61 16.15
N LEU A 211 34.15 -16.10 15.40
CA LEU A 211 35.19 -15.24 14.84
C LEU A 211 34.75 -14.58 13.52
N ALA A 212 33.93 -15.30 12.75
CA ALA A 212 33.53 -14.86 11.41
C ALA A 212 32.76 -13.56 11.40
N TYR A 213 31.63 -13.50 12.11
CA TYR A 213 30.88 -12.26 12.19
C TYR A 213 31.07 -11.55 13.53
N ALA A 214 32.34 -11.29 13.85
CA ALA A 214 32.69 -10.56 15.04
C ALA A 214 32.68 -9.05 14.77
N THR A 215 31.80 -8.34 15.46
CA THR A 215 31.78 -6.89 15.41
C THR A 215 31.85 -6.37 16.84
N ASN A 216 32.44 -5.19 17.02
CA ASN A 216 32.68 -4.64 18.35
C ASN A 216 33.41 -5.66 19.26
N PRO A 217 34.71 -5.87 19.00
CA PRO A 217 35.48 -5.28 17.89
C PRO A 217 35.44 -6.19 16.67
N GLU A 218 35.87 -5.67 15.52
CA GLU A 218 36.01 -6.50 14.33
C GLU A 218 37.42 -7.10 14.27
N ILE A 219 37.52 -8.30 13.73
CA ILE A 219 38.82 -8.96 13.59
C ILE A 219 39.28 -8.89 12.13
N PRO A 220 40.33 -8.08 11.87
CA PRO A 220 40.84 -7.87 10.51
C PRO A 220 41.30 -9.18 9.88
N GLU A 221 40.91 -9.37 8.62
CA GLU A 221 41.25 -10.57 7.85
C GLU A 221 40.61 -11.84 8.41
N ILE A 222 39.61 -11.68 9.26
CA ILE A 222 38.84 -12.82 9.77
C ILE A 222 37.34 -12.51 9.76
N THR A 223 36.99 -11.27 10.08
CA THR A 223 35.61 -10.83 10.07
C THR A 223 35.00 -10.92 8.67
N GLY A 224 33.97 -11.75 8.53
CA GLY A 224 33.29 -11.90 7.25
C GLY A 224 33.52 -13.23 6.59
N ASP A 225 34.79 -13.62 6.44
CA ASP A 225 35.15 -14.87 5.79
C ASP A 225 35.23 -16.02 6.77
N GLU A 226 34.26 -16.92 6.71
CA GLU A 226 34.22 -18.07 7.60
C GLU A 226 35.34 -19.06 7.30
N ARG A 227 35.74 -19.13 6.03
CA ARG A 227 36.79 -20.04 5.61
C ARG A 227 38.13 -19.71 6.25
N LYS A 228 38.47 -18.43 6.24
CA LYS A 228 39.70 -17.96 6.87
C LYS A 228 39.63 -18.18 8.38
N ALA A 229 38.44 -18.06 8.95
CA ALA A 229 38.24 -18.33 10.37
C ALA A 229 38.56 -19.78 10.69
N ILE A 230 38.03 -20.69 9.88
CA ILE A 230 38.28 -22.11 10.03
C ILE A 230 39.78 -22.42 9.91
N GLU A 231 40.40 -21.91 8.85
CA GLU A 231 41.82 -22.13 8.61
C GLU A 231 42.68 -21.62 9.77
N TRP A 232 42.36 -20.42 10.23
CA TRP A 232 43.09 -19.79 11.32
C TRP A 232 42.95 -20.60 12.62
N LEU A 233 41.74 -21.09 12.87
CA LEU A 233 41.49 -21.86 14.09
C LEU A 233 42.18 -23.22 14.06
N ARG A 234 42.19 -23.86 12.89
CA ARG A 234 42.88 -25.14 12.74
C ARG A 234 44.39 -24.94 12.84
N ALA A 235 44.86 -23.78 12.39
CA ALA A 235 46.29 -23.47 12.43
C ALA A 235 46.81 -23.32 13.86
N LYS A 236 46.03 -22.66 14.70
CA LYS A 236 46.44 -22.42 16.09
C LYS A 236 46.10 -23.60 16.99
N GLY A 237 45.58 -24.68 16.39
CA GLY A 237 45.33 -25.89 17.14
C GLY A 237 44.01 -25.93 17.87
N PHE A 238 43.01 -25.22 17.34
CA PHE A 238 41.69 -25.23 17.94
C PHE A 238 40.71 -26.03 17.08
N ASP A 239 39.70 -26.61 17.73
CA ASP A 239 38.61 -27.25 17.01
C ASP A 239 37.62 -26.17 16.62
N PRO A 240 37.57 -25.84 15.32
CA PRO A 240 36.72 -24.74 14.84
C PRO A 240 35.24 -25.06 14.97
N GLU A 241 34.91 -26.33 15.15
CA GLU A 241 33.53 -26.76 15.29
C GLU A 241 33.09 -26.70 16.75
N MET A 242 34.07 -26.58 17.64
CA MET A 242 33.80 -26.49 19.07
C MET A 242 33.21 -25.12 19.42
N LYS A 243 32.39 -25.09 20.47
CA LYS A 243 31.83 -23.83 20.94
C LYS A 243 32.67 -23.27 22.09
N TYR A 244 32.68 -21.95 22.22
CA TYR A 244 33.55 -21.26 23.18
C TYR A 244 33.41 -21.77 24.61
N TRP A 245 32.17 -22.03 25.03
CA TRP A 245 31.92 -22.44 26.41
C TRP A 245 32.50 -23.83 26.68
N GLN A 246 32.73 -24.59 25.63
CA GLN A 246 33.27 -25.95 25.76
C GLN A 246 34.77 -25.93 25.99
N LEU A 247 35.40 -24.79 25.75
CA LEU A 247 36.83 -24.63 25.97
C LEU A 247 37.15 -24.60 27.46
N ARG A 248 38.32 -25.10 27.83
CA ARG A 248 38.82 -24.93 29.19
C ARG A 248 39.33 -23.50 29.35
N GLU A 249 39.62 -23.10 30.58
CA GLU A 249 40.09 -21.75 30.84
C GLU A 249 41.44 -21.47 30.16
N GLU A 250 42.33 -22.45 30.19
CA GLU A 250 43.62 -22.33 29.53
C GLU A 250 43.48 -22.17 28.02
N GLU A 251 42.58 -22.96 27.43
CA GLU A 251 42.32 -22.87 25.99
C GLU A 251 41.74 -21.51 25.62
N LYS A 252 40.86 -20.99 26.47
CA LYS A 252 40.30 -19.66 26.28
C LYS A 252 41.42 -18.63 26.30
N ARG A 253 42.30 -18.74 27.29
CA ARG A 253 43.42 -17.84 27.42
C ARG A 253 44.30 -17.85 26.17
N LYS A 254 44.58 -19.06 25.66
CA LYS A 254 45.37 -19.21 24.45
C LYS A 254 44.66 -18.58 23.24
N LEU A 255 43.34 -18.70 23.21
CA LEU A 255 42.54 -18.08 22.15
C LEU A 255 42.68 -16.56 22.21
N HIS A 256 42.60 -16.02 23.42
CA HIS A 256 42.72 -14.58 23.62
C HIS A 256 44.09 -14.09 23.15
N GLU A 257 45.14 -14.76 23.61
CA GLU A 257 46.50 -14.42 23.23
C GLU A 257 46.69 -14.46 21.70
N ALA A 258 46.21 -15.54 21.09
CA ALA A 258 46.33 -15.71 19.65
C ALA A 258 45.60 -14.61 18.86
N LEU A 259 44.36 -14.34 19.25
CA LEU A 259 43.56 -13.30 18.59
C LEU A 259 44.18 -11.92 18.76
N LEU A 260 44.68 -11.64 19.95
CA LEU A 260 45.34 -10.36 20.22
C LEU A 260 46.59 -10.20 19.36
N VAL A 261 47.39 -11.25 19.28
CA VAL A 261 48.57 -11.26 18.41
C VAL A 261 48.16 -10.99 16.96
N HIS A 262 47.13 -11.67 16.50
CA HIS A 262 46.64 -11.47 15.13
C HIS A 262 46.23 -10.03 14.87
N MET A 263 45.43 -9.46 15.77
CA MET A 263 44.93 -8.10 15.58
C MET A 263 46.03 -7.05 15.65
N ILE A 264 47.02 -7.28 16.52
CA ILE A 264 48.18 -6.39 16.56
C ILE A 264 48.97 -6.48 15.27
N LYS A 265 49.18 -7.69 14.78
CA LYS A 265 49.99 -7.89 13.57
C LYS A 265 49.34 -7.36 12.29
N HIS A 266 48.01 -7.28 12.28
CA HIS A 266 47.31 -6.82 11.08
C HIS A 266 46.82 -5.38 11.17
N GLY A 267 47.42 -4.62 12.09
CA GLY A 267 47.15 -3.20 12.20
C GLY A 267 45.74 -2.83 12.62
N ALA A 268 45.20 -3.55 13.60
CA ALA A 268 43.91 -3.19 14.17
C ALA A 268 44.08 -1.95 15.03
N PRO A 269 43.05 -1.10 15.10
CA PRO A 269 43.10 0.09 15.96
C PRO A 269 43.23 -0.31 17.42
N LYS A 270 43.80 0.56 18.25
CA LYS A 270 44.03 0.22 19.66
C LYS A 270 42.73 0.02 20.42
N GLU A 271 41.72 0.84 20.11
CA GLU A 271 40.42 0.74 20.78
C GLU A 271 39.81 -0.64 20.59
N ALA A 272 39.75 -1.09 19.34
CA ALA A 272 39.23 -2.40 19.00
C ALA A 272 39.97 -3.52 19.74
N ILE A 273 41.30 -3.43 19.78
CA ILE A 273 42.11 -4.41 20.49
C ILE A 273 41.80 -4.41 21.98
N ASP A 274 41.57 -3.22 22.53
CA ASP A 274 41.24 -3.09 23.95
C ASP A 274 39.82 -3.56 24.24
N ARG A 275 39.01 -3.71 23.20
CA ARG A 275 37.64 -4.17 23.38
C ARG A 275 37.43 -5.65 23.09
N LEU A 276 38.51 -6.38 22.80
CA LEU A 276 38.39 -7.80 22.47
C LEU A 276 38.10 -8.66 23.68
N ILE A 277 38.84 -8.45 24.77
CA ILE A 277 38.61 -9.19 26.01
C ILE A 277 38.13 -8.24 27.11
N GLY A 278 37.03 -8.61 27.75
CA GLY A 278 36.47 -7.78 28.80
C GLY A 278 35.29 -8.45 29.49
N ASP A 279 34.43 -7.64 30.08
CA ASP A 279 33.29 -8.14 30.84
C ASP A 279 32.33 -8.96 29.98
N VAL A 280 31.98 -10.15 30.48
CA VAL A 280 30.97 -10.99 29.88
C VAL A 280 30.10 -11.51 31.01
N VAL A 281 28.80 -11.23 30.94
CA VAL A 281 27.90 -11.57 32.04
C VAL A 281 27.25 -12.94 31.86
N ILE A 282 27.40 -13.79 32.88
CA ILE A 282 26.95 -15.17 32.86
C ILE A 282 25.93 -15.38 33.97
N SER A 283 25.00 -16.32 33.79
CA SER A 283 24.04 -16.62 34.86
C SER A 283 23.95 -18.11 35.16
N PRO A 284 24.22 -18.49 36.42
CA PRO A 284 24.11 -19.88 36.87
C PRO A 284 22.68 -20.40 36.89
N LEU A 285 21.71 -19.51 36.69
CA LEU A 285 20.31 -19.90 36.68
C LEU A 285 19.96 -20.72 35.44
N TYR A 286 20.79 -20.62 34.42
CA TYR A 286 20.58 -21.36 33.18
C TYR A 286 21.76 -22.28 32.92
N PRO A 287 21.54 -23.35 32.15
CA PRO A 287 22.63 -24.27 31.83
C PRO A 287 23.64 -23.62 30.91
N GLU A 288 24.92 -23.90 31.10
CA GLU A 288 25.93 -23.42 30.16
C GLU A 288 25.70 -24.11 28.82
N GLY A 289 25.81 -23.35 27.73
CA GLY A 289 25.50 -23.86 26.42
C GLY A 289 24.12 -23.41 25.98
N ASP A 290 23.38 -22.82 26.92
CA ASP A 290 22.07 -22.26 26.63
C ASP A 290 22.23 -20.79 26.27
N VAL A 291 21.42 -20.29 25.35
CA VAL A 291 21.52 -18.91 24.93
C VAL A 291 21.24 -17.93 26.06
N ARG A 292 20.44 -18.36 27.02
CA ARG A 292 20.06 -17.51 28.16
C ARG A 292 21.16 -17.44 29.20
N HIS A 293 22.18 -18.27 29.04
CA HIS A 293 23.27 -18.37 30.00
C HIS A 293 24.19 -17.16 29.95
N GLU A 294 24.21 -16.48 28.81
CA GLU A 294 25.05 -15.30 28.63
C GLU A 294 24.23 -14.11 28.15
N ALA A 295 24.56 -12.93 28.66
CA ALA A 295 23.77 -11.72 28.43
C ALA A 295 23.60 -11.34 26.96
N ARG A 296 24.68 -11.36 26.19
CA ARG A 296 24.62 -10.93 24.79
C ARG A 296 23.79 -11.89 23.96
N GLU A 297 23.94 -13.18 24.25
CA GLU A 297 23.23 -14.23 23.52
C GLU A 297 21.73 -14.20 23.85
N PHE A 298 21.43 -13.95 25.12
CA PHE A 298 20.06 -13.80 25.60
C PHE A 298 19.41 -12.58 24.93
N ALA A 299 20.16 -11.48 24.90
CA ALA A 299 19.68 -10.25 24.26
C ALA A 299 19.43 -10.48 22.78
N THR A 300 20.28 -11.28 22.15
CA THR A 300 20.12 -11.64 20.74
C THR A 300 18.81 -12.40 20.54
N LEU A 301 18.57 -13.40 21.39
CA LEU A 301 17.32 -14.13 21.36
C LEU A 301 16.11 -13.19 21.47
N LEU A 302 16.16 -12.32 22.48
CA LEU A 302 15.05 -11.38 22.71
C LEU A 302 14.79 -10.46 21.54
N ASN A 303 15.85 -9.84 21.02
CA ASN A 303 15.73 -9.00 19.82
C ASN A 303 15.11 -9.77 18.67
N ALA A 304 15.53 -11.02 18.50
CA ALA A 304 14.99 -11.88 17.46
C ALA A 304 13.49 -12.09 17.64
N THR A 305 13.04 -12.34 18.87
CA THR A 305 11.61 -12.49 19.12
C THR A 305 10.89 -11.17 18.86
N GLY A 306 11.59 -10.06 19.11
CA GLY A 306 11.05 -8.74 18.93
C GLY A 306 10.74 -8.43 17.48
N ARG A 307 11.69 -8.74 16.60
CA ARG A 307 11.51 -8.46 15.18
C ARG A 307 10.38 -9.28 14.54
N LEU A 308 10.11 -10.45 15.10
CA LEU A 308 9.07 -11.32 14.57
C LEU A 308 7.71 -11.08 15.24
N ASN A 309 7.52 -9.86 15.75
CA ASN A 309 6.26 -9.47 16.39
C ASN A 309 5.86 -10.37 17.56
N ALA A 310 6.85 -10.86 18.30
CA ALA A 310 6.59 -11.72 19.44
C ALA A 310 7.37 -11.26 20.66
N GLY A 311 7.47 -9.95 20.83
CA GLY A 311 8.21 -9.37 21.94
C GLY A 311 7.68 -9.84 23.29
N THR A 312 6.38 -10.06 23.35
CA THR A 312 5.74 -10.51 24.57
C THR A 312 6.17 -11.93 24.92
N LEU A 313 6.51 -12.71 23.90
CA LEU A 313 6.99 -14.08 24.10
C LEU A 313 8.36 -14.01 24.75
N GLY A 314 9.19 -13.07 24.29
CA GLY A 314 10.49 -12.82 24.88
C GLY A 314 10.34 -12.36 26.33
N VAL A 315 9.35 -11.51 26.58
CA VAL A 315 9.02 -11.10 27.94
C VAL A 315 8.75 -12.33 28.80
N ALA A 316 7.90 -13.22 28.30
CA ALA A 316 7.59 -14.46 29.00
C ALA A 316 8.84 -15.29 29.26
N ILE A 317 9.77 -15.30 28.30
CA ILE A 317 11.03 -16.00 28.49
C ILE A 317 11.83 -15.40 29.64
N CYS A 318 11.88 -14.07 29.72
CA CYS A 318 12.54 -13.40 30.83
C CYS A 318 11.86 -13.72 32.16
N LEU A 319 10.54 -13.92 32.11
CA LEU A 319 9.78 -14.20 33.32
C LEU A 319 9.97 -15.61 33.86
N GLY A 320 10.67 -16.44 33.10
CA GLY A 320 10.99 -17.79 33.54
C GLY A 320 10.13 -18.87 32.93
N ASP A 321 9.44 -18.53 31.84
CA ASP A 321 8.54 -19.45 31.18
C ASP A 321 9.27 -20.32 30.16
N GLU A 322 9.46 -21.60 30.50
CA GLU A 322 10.21 -22.54 29.66
C GLU A 322 9.44 -22.89 28.39
N GLU A 323 8.12 -22.97 28.52
CA GLU A 323 7.24 -23.24 27.39
C GLU A 323 7.41 -22.16 26.32
N ALA A 324 7.43 -20.91 26.75
CA ALA A 324 7.62 -19.78 25.84
C ALA A 324 8.97 -19.85 25.15
N TYR A 325 9.98 -20.32 25.88
CA TYR A 325 11.30 -20.52 25.29
C TYR A 325 11.23 -21.57 24.18
N LYS A 326 10.51 -22.65 24.45
CA LYS A 326 10.32 -23.71 23.46
C LYS A 326 9.66 -23.18 22.19
N VAL A 327 8.53 -22.50 22.37
CA VAL A 327 7.79 -21.90 21.26
C VAL A 327 8.68 -20.94 20.47
N ALA A 328 9.47 -20.15 21.18
CA ALA A 328 10.39 -19.20 20.54
C ALA A 328 11.46 -19.90 19.71
N ARG A 329 11.99 -21.00 20.23
CA ARG A 329 12.97 -21.79 19.49
C ARG A 329 12.36 -22.31 18.19
N LYS A 330 11.16 -22.86 18.30
CA LYS A 330 10.44 -23.37 17.13
C LYS A 330 10.25 -22.25 16.11
N MET A 331 9.82 -21.08 16.58
CA MET A 331 9.54 -19.94 15.73
C MET A 331 10.78 -19.47 14.97
N LEU A 332 11.88 -19.28 15.71
CA LEU A 332 13.13 -18.85 15.10
C LEU A 332 13.65 -19.87 14.09
N ASP A 333 13.49 -21.16 14.41
CA ASP A 333 13.91 -22.20 13.49
C ASP A 333 13.10 -22.15 12.19
N ASP A 334 11.78 -22.08 12.32
CA ASP A 334 10.90 -21.95 11.15
C ASP A 334 11.27 -20.75 10.30
N TYR A 335 11.59 -19.64 10.96
CA TYR A 335 11.99 -18.42 10.27
C TYR A 335 13.28 -18.64 9.47
N LYS A 336 14.25 -19.29 10.11
CA LYS A 336 15.51 -19.63 9.43
C LYS A 336 15.25 -20.47 8.19
N LYS A 337 14.41 -21.49 8.34
CA LYS A 337 14.03 -22.34 7.22
C LYS A 337 13.42 -21.52 6.08
N GLU A 338 12.53 -20.60 6.43
CA GLU A 338 11.93 -19.70 5.45
C GLU A 338 13.00 -18.89 4.70
N GLN A 339 14.01 -18.43 5.44
CA GLN A 339 15.10 -17.68 4.84
C GLN A 339 15.89 -18.51 3.83
N ILE A 340 16.23 -19.74 4.22
CA ILE A 340 16.93 -20.66 3.33
C ILE A 340 16.12 -20.91 2.05
N GLU A 341 14.84 -21.21 2.24
CA GLU A 341 13.96 -21.49 1.10
C GLU A 341 13.80 -20.26 0.20
N ALA A 342 13.90 -19.07 0.80
CA ALA A 342 13.82 -17.82 0.05
C ALA A 342 15.06 -17.66 -0.82
N ARG A 343 16.23 -17.93 -0.24
CA ARG A 343 17.49 -17.89 -0.99
C ARG A 343 17.43 -18.85 -2.17
N LYS A 344 17.05 -20.08 -1.89
CA LYS A 344 16.93 -21.11 -2.93
C LYS A 344 15.97 -20.67 -4.04
N PHE A 345 14.82 -20.16 -3.64
CA PHE A 345 13.80 -19.74 -4.60
C PHE A 345 14.31 -18.61 -5.50
N ILE A 346 14.89 -17.58 -4.91
CA ILE A 346 15.30 -16.42 -5.70
C ILE A 346 16.50 -16.74 -6.60
N ILE A 347 17.43 -17.57 -6.12
CA ILE A 347 18.57 -17.96 -6.94
C ILE A 347 18.11 -18.85 -8.10
N GLN A 348 17.23 -19.80 -7.79
CA GLN A 348 16.71 -20.71 -8.81
C GLN A 348 15.86 -19.98 -9.86
N ASN A 349 15.25 -18.87 -9.46
CA ASN A 349 14.35 -18.16 -10.35
C ASN A 349 14.80 -16.73 -10.68
N TRP A 350 16.10 -16.55 -10.88
CA TRP A 350 16.65 -15.24 -11.21
C TRP A 350 16.35 -14.86 -12.66
N ASN A 351 15.67 -15.74 -13.38
CA ASN A 351 15.32 -15.50 -14.77
C ASN A 351 14.08 -14.64 -14.94
N MET A 352 13.52 -14.17 -13.82
CA MET A 352 12.28 -13.42 -13.84
C MET A 352 12.47 -11.94 -13.53
N VAL A 353 13.72 -11.56 -13.24
CA VAL A 353 14.05 -10.19 -12.88
C VAL A 353 13.94 -9.27 -14.10
N GLU A 354 13.73 -7.98 -13.85
CA GLU A 354 13.64 -7.00 -14.93
C GLU A 354 14.92 -6.18 -15.06
N GLU A 355 15.48 -6.19 -16.25
CA GLU A 355 16.70 -5.45 -16.55
C GLU A 355 16.46 -3.95 -16.61
N GLY A 356 17.08 -3.22 -15.68
CA GLY A 356 16.92 -1.78 -15.64
C GLY A 356 18.21 -1.04 -15.92
N GLU A 357 18.09 0.25 -16.21
CA GLU A 357 19.27 1.09 -16.47
C GLU A 357 19.93 1.49 -15.16
N HIS A 358 19.17 1.39 -14.07
CA HIS A 358 19.66 1.84 -12.77
C HIS A 358 19.38 0.85 -11.63
N ALA A 359 18.51 -0.13 -11.88
CA ALA A 359 18.14 -1.08 -10.83
C ALA A 359 17.57 -2.39 -11.35
N TYR A 360 17.54 -3.39 -10.48
CA TYR A 360 16.96 -4.70 -10.78
C TYR A 360 15.65 -4.82 -10.00
N VAL A 361 14.63 -5.41 -10.62
CA VAL A 361 13.35 -5.62 -9.95
C VAL A 361 12.88 -7.06 -10.06
N PHE A 362 12.76 -7.73 -8.93
CA PHE A 362 12.32 -9.12 -8.89
C PHE A 362 10.99 -9.25 -8.16
N TYR A 363 9.95 -9.61 -8.89
CA TYR A 363 8.64 -9.84 -8.28
C TYR A 363 8.44 -11.31 -7.95
N ALA A 364 8.33 -11.61 -6.65
CA ALA A 364 8.26 -12.99 -6.18
C ALA A 364 6.84 -13.49 -6.03
N GLY A 365 5.87 -12.57 -6.06
CA GLY A 365 4.49 -12.92 -5.84
C GLY A 365 4.22 -13.22 -4.39
N LYS A 366 3.73 -14.42 -4.11
CA LYS A 366 3.43 -14.84 -2.74
C LYS A 366 4.50 -15.80 -2.23
N ASN A 367 5.48 -16.10 -3.09
CA ASN A 367 6.48 -17.12 -2.78
C ASN A 367 7.49 -16.69 -1.73
N ILE A 368 7.73 -15.39 -1.62
CA ILE A 368 8.55 -14.85 -0.54
C ILE A 368 7.71 -13.92 0.32
N ARG A 369 7.74 -14.14 1.63
CA ARG A 369 6.95 -13.33 2.55
C ARG A 369 7.47 -11.90 2.63
N ASP A 370 6.62 -11.00 3.13
CA ASP A 370 6.96 -9.58 3.28
C ASP A 370 8.31 -9.36 3.95
N THR A 371 8.40 -9.80 5.19
CA THR A 371 9.59 -9.58 6.01
C THR A 371 10.87 -10.13 5.39
N LEU A 372 10.74 -11.17 4.57
CA LEU A 372 11.90 -11.81 3.95
C LEU A 372 12.39 -11.10 2.69
N VAL A 373 11.68 -10.03 2.29
CA VAL A 373 12.01 -9.36 1.04
C VAL A 373 13.44 -8.78 1.03
N GLY A 374 13.73 -7.91 1.99
CA GLY A 374 15.04 -7.28 2.08
C GLY A 374 16.18 -8.28 2.04
N ILE A 375 16.17 -9.23 2.97
CA ILE A 375 17.21 -10.24 3.05
C ILE A 375 17.28 -11.10 1.78
N ALA A 376 16.20 -11.14 1.01
CA ALA A 376 16.23 -11.83 -0.27
C ALA A 376 17.11 -11.04 -1.24
N ALA A 377 16.85 -9.74 -1.32
CA ALA A 377 17.60 -8.85 -2.20
C ALA A 377 19.09 -8.96 -1.92
N ASN A 378 19.46 -8.84 -0.64
CA ASN A 378 20.85 -9.03 -0.22
C ASN A 378 21.39 -10.39 -0.66
N MET A 379 20.58 -11.44 -0.49
CA MET A 379 21.00 -12.78 -0.89
C MET A 379 21.12 -12.91 -2.40
N ALA A 380 20.48 -12.01 -3.14
CA ALA A 380 20.63 -11.97 -4.59
C ALA A 380 21.89 -11.21 -4.95
N ILE A 381 22.34 -10.34 -4.05
CA ILE A 381 23.58 -9.61 -4.24
C ILE A 381 24.78 -10.50 -3.92
N ASN A 382 24.75 -11.11 -2.73
CA ASN A 382 25.87 -11.92 -2.25
C ASN A 382 25.90 -13.32 -2.86
N ALA A 383 25.51 -13.43 -4.12
CA ALA A 383 25.53 -14.71 -4.82
C ALA A 383 25.68 -14.52 -6.32
N VAL A 392 19.50 -3.54 -5.99
CA VAL A 392 18.56 -4.60 -6.27
C VAL A 392 17.27 -4.39 -5.48
N VAL A 393 16.12 -4.56 -6.15
CA VAL A 393 14.83 -4.41 -5.48
C VAL A 393 13.99 -5.68 -5.59
N VAL A 394 13.52 -6.16 -4.45
CA VAL A 394 12.63 -7.31 -4.43
C VAL A 394 11.23 -6.89 -3.99
N LEU A 395 10.21 -7.42 -4.66
CA LEU A 395 8.82 -7.13 -4.34
C LEU A 395 8.07 -8.40 -3.96
N ALA A 396 7.03 -8.26 -3.15
CA ALA A 396 6.21 -9.40 -2.75
C ALA A 396 4.83 -8.95 -2.28
N ASP A 397 3.84 -9.80 -2.50
CA ASP A 397 2.48 -9.51 -2.07
C ASP A 397 2.40 -9.43 -0.55
N SER A 398 1.74 -8.39 -0.05
CA SER A 398 1.60 -8.19 1.39
C SER A 398 0.68 -9.24 2.00
N ASP A 399 1.07 -9.74 3.17
CA ASP A 399 0.27 -10.73 3.88
C ASP A 399 -0.86 -10.06 4.65
N GLU A 400 -0.61 -8.86 5.15
CA GLU A 400 -1.62 -8.09 5.86
C GLU A 400 -2.69 -7.60 4.90
N ASP A 401 -2.29 -6.72 3.99
CA ASP A 401 -3.19 -6.19 2.98
C ASP A 401 -3.39 -7.21 1.86
N GLU A 402 -4.03 -6.80 0.78
CA GLU A 402 -4.29 -7.70 -0.34
C GLU A 402 -3.90 -7.04 -1.66
N ASN A 403 -4.26 -5.76 -1.80
CA ASN A 403 -3.95 -5.01 -3.00
C ASN A 403 -2.62 -4.29 -2.86
N LEU A 404 -1.84 -4.69 -1.87
CA LEU A 404 -0.58 -4.01 -1.57
C LEU A 404 0.62 -4.89 -1.84
N VAL A 405 1.68 -4.27 -2.36
CA VAL A 405 2.95 -4.92 -2.56
C VAL A 405 4.02 -4.24 -1.70
N LYS A 406 4.75 -5.04 -0.94
CA LYS A 406 5.87 -4.55 -0.15
C LYS A 406 7.17 -4.91 -0.82
N GLY A 407 8.09 -3.96 -0.87
CA GLY A 407 9.36 -4.17 -1.52
C GLY A 407 10.53 -3.60 -0.75
N SER A 408 11.72 -4.14 -1.00
CA SER A 408 12.92 -3.62 -0.35
C SER A 408 14.06 -3.53 -1.34
N ALA A 409 14.88 -2.49 -1.19
CA ALA A 409 16.02 -2.26 -2.06
C ALA A 409 17.32 -2.28 -1.28
N ARG A 410 18.30 -3.03 -1.78
CA ARG A 410 19.61 -3.13 -1.15
C ARG A 410 20.71 -2.74 -2.13
N THR A 411 21.80 -2.19 -1.59
CA THR A 411 22.91 -1.75 -2.43
C THR A 411 24.21 -1.58 -1.62
N THR A 412 25.30 -1.32 -2.32
CA THR A 412 26.61 -1.17 -1.68
C THR A 412 27.26 0.19 -1.96
N GLU A 413 28.46 0.40 -1.44
CA GLU A 413 29.16 1.67 -1.58
C GLU A 413 29.56 1.95 -3.03
N LYS A 414 29.79 0.88 -3.78
CA LYS A 414 30.12 0.97 -5.20
C LYS A 414 29.02 1.70 -5.96
N ALA A 415 27.79 1.59 -5.47
CA ALA A 415 26.67 2.34 -6.03
C ALA A 415 26.68 3.77 -5.52
N LEU A 416 27.04 3.94 -4.25
CA LEU A 416 27.10 5.27 -3.65
C LEU A 416 28.16 6.13 -4.31
N GLU A 417 29.06 5.49 -5.07
CA GLU A 417 30.08 6.18 -5.83
C GLU A 417 29.52 7.27 -6.76
N LYS A 418 28.27 7.10 -7.18
CA LYS A 418 27.58 8.09 -7.99
C LYS A 418 26.17 8.33 -7.47
N GLY A 419 26.06 8.80 -6.24
CA GLY A 419 24.78 9.02 -5.61
C GLY A 419 24.02 7.71 -5.42
N TYR A 420 23.15 7.41 -6.37
CA TYR A 420 22.34 6.18 -6.34
C TYR A 420 21.62 5.94 -5.03
N HIS A 421 21.28 7.02 -4.32
CA HIS A 421 20.63 6.91 -3.03
C HIS A 421 19.25 6.25 -3.19
N LEU A 422 19.10 5.07 -2.60
CA LEU A 422 17.86 4.31 -2.71
C LEU A 422 16.72 4.97 -1.95
N GLY A 423 16.89 5.15 -0.64
CA GLY A 423 15.87 5.73 0.21
C GLY A 423 15.40 7.11 -0.23
N GLU A 424 16.27 7.83 -0.94
CA GLU A 424 15.93 9.15 -1.45
C GLU A 424 14.86 9.07 -2.53
N ALA A 425 15.12 8.26 -3.54
CA ALA A 425 14.25 8.16 -4.71
C ALA A 425 13.03 7.29 -4.46
N LEU A 426 13.21 6.28 -3.61
CA LEU A 426 12.13 5.36 -3.23
C LEU A 426 10.99 6.15 -2.62
N LYS A 427 11.33 7.20 -1.87
CA LYS A 427 10.35 8.10 -1.29
C LYS A 427 9.58 8.83 -2.40
N GLU A 428 10.29 9.26 -3.44
CA GLU A 428 9.68 9.94 -4.57
C GLU A 428 8.69 9.04 -5.28
N VAL A 429 9.13 7.83 -5.63
CA VAL A 429 8.29 6.89 -6.36
C VAL A 429 7.07 6.48 -5.52
N ALA A 430 7.29 6.23 -4.23
CA ALA A 430 6.20 5.91 -3.33
C ALA A 430 5.21 7.06 -3.24
N GLU A 431 5.72 8.28 -3.30
CA GLU A 431 4.88 9.47 -3.31
C GLU A 431 4.05 9.54 -4.58
N LYS A 432 4.65 9.17 -5.71
CA LYS A 432 3.97 9.21 -7.00
C LYS A 432 2.91 8.11 -7.15
N LEU A 433 3.14 6.97 -6.51
CA LEU A 433 2.24 5.83 -6.64
C LEU A 433 1.17 5.77 -5.56
N GLY A 434 1.28 6.67 -4.59
CA GLY A 434 0.34 6.71 -3.49
C GLY A 434 0.64 5.67 -2.43
N GLY A 435 1.90 5.62 -2.00
CA GLY A 435 2.33 4.70 -0.98
C GLY A 435 3.41 5.27 -0.09
N GLU A 436 3.75 4.55 0.97
CA GLU A 436 4.76 5.00 1.91
C GLU A 436 6.16 4.57 1.48
N GLY A 437 7.13 5.48 1.61
CA GLY A 437 8.49 5.20 1.21
C GLY A 437 9.48 5.35 2.34
N ALA A 444 16.03 1.27 1.72
CA ALA A 444 14.81 1.34 2.52
C ALA A 444 13.74 0.39 1.98
N GLY A 445 12.52 0.57 2.45
CA GLY A 445 11.39 -0.25 2.02
C GLY A 445 10.23 0.59 1.51
N ILE A 446 9.41 -0.02 0.67
CA ILE A 446 8.30 0.70 0.04
C ILE A 446 7.04 -0.16 -0.06
N ARG A 447 5.89 0.41 0.31
CA ARG A 447 4.62 -0.24 0.09
C ARG A 447 3.83 0.52 -0.98
N PHE A 448 3.31 -0.19 -1.96
CA PHE A 448 2.55 0.47 -3.03
C PHE A 448 1.57 -0.48 -3.72
N PRO A 449 0.54 0.07 -4.37
CA PRO A 449 -0.49 -0.72 -5.07
C PRO A 449 0.07 -1.79 -6.00
N LYS A 450 -0.38 -3.03 -5.82
CA LYS A 450 0.08 -4.16 -6.61
C LYS A 450 -0.15 -3.97 -8.11
N ASN A 451 -1.19 -3.23 -8.46
CA ASN A 451 -1.52 -3.01 -9.86
C ASN A 451 -0.73 -1.88 -10.53
N ARG A 452 0.34 -1.44 -9.89
CA ARG A 452 1.18 -0.38 -10.44
C ARG A 452 2.66 -0.78 -10.49
N ILE A 453 2.91 -2.09 -10.36
CA ILE A 453 4.28 -2.62 -10.38
C ILE A 453 5.09 -2.19 -11.59
N ASP A 454 4.52 -2.36 -12.78
CA ASP A 454 5.15 -1.89 -14.01
C ASP A 454 5.47 -0.41 -13.85
N GLU A 455 4.46 0.35 -13.44
CA GLU A 455 4.60 1.80 -13.27
C GLU A 455 5.68 2.12 -12.23
N PHE A 456 5.92 1.20 -11.32
CA PHE A 456 6.99 1.35 -10.33
C PHE A 456 8.34 1.19 -11.01
N ILE A 457 8.48 0.13 -11.79
CA ILE A 457 9.77 -0.20 -12.41
C ILE A 457 10.30 0.95 -13.25
N LYS A 458 9.47 1.44 -14.18
CA LYS A 458 9.82 2.59 -15.01
C LYS A 458 10.14 3.80 -14.13
N LEU A 459 9.41 3.95 -13.03
CA LEU A 459 9.61 5.10 -12.16
C LEU A 459 10.83 4.93 -11.26
N PHE A 460 11.43 3.75 -11.26
CA PHE A 460 12.59 3.50 -10.40
C PHE A 460 13.91 3.65 -11.15
N ASN A 461 13.93 3.24 -12.41
CA ASN A 461 15.10 3.45 -13.25
C ASN A 461 15.37 4.94 -13.46
N GLU A 462 14.29 5.70 -13.68
CA GLU A 462 14.39 7.14 -13.88
C GLU A 462 14.70 7.86 -12.57
N ALA A 463 14.37 7.20 -11.47
CA ALA A 463 14.55 7.78 -10.14
C ALA A 463 16.02 7.91 -9.78
N LEU A 464 16.87 7.15 -10.46
CA LEU A 464 18.30 7.15 -10.18
C LEU A 464 19.10 7.66 -11.37
N MET B 1 -4.39 27.03 -15.69
CA MET B 1 -5.65 26.76 -16.36
C MET B 1 -6.84 27.13 -15.46
N ASP B 2 -6.55 27.42 -14.20
CA ASP B 2 -7.57 27.77 -13.22
C ASP B 2 -8.61 26.66 -13.11
N LYS B 3 -8.20 25.54 -12.53
CA LYS B 3 -9.04 24.35 -12.46
C LYS B 3 -10.21 24.51 -11.48
N GLU B 4 -10.03 25.36 -10.47
CA GLU B 4 -11.08 25.58 -9.48
C GLU B 4 -12.34 26.19 -10.10
N ALA B 5 -12.13 27.21 -10.92
CA ALA B 5 -13.23 27.89 -11.60
C ALA B 5 -13.99 26.93 -12.52
N PHE B 6 -13.26 25.98 -13.11
CA PHE B 6 -13.87 24.96 -13.93
C PHE B 6 -14.70 24.02 -13.06
N LEU B 7 -14.10 23.57 -11.96
CA LEU B 7 -14.75 22.65 -11.03
C LEU B 7 -16.00 23.25 -10.42
N GLU B 8 -16.09 24.58 -10.43
CA GLU B 8 -17.30 25.26 -9.98
C GLU B 8 -18.46 24.99 -10.93
N ARG B 9 -18.21 25.17 -12.22
CA ARG B 9 -19.20 24.85 -13.25
C ARG B 9 -19.55 23.37 -13.24
N VAL B 10 -18.51 22.53 -13.11
CA VAL B 10 -18.70 21.08 -13.04
C VAL B 10 -19.64 20.73 -11.89
N ARG B 11 -19.37 21.29 -10.71
CA ARG B 11 -20.21 21.09 -9.55
C ARG B 11 -21.63 21.57 -9.79
N GLU B 12 -21.75 22.69 -10.50
CA GLU B 12 -23.05 23.28 -10.79
C GLU B 12 -23.91 22.34 -11.64
N GLY B 13 -23.37 21.92 -12.78
CA GLY B 13 -24.07 20.99 -13.66
C GLY B 13 -24.37 19.66 -13.01
N ALA B 14 -23.38 19.13 -12.29
CA ALA B 14 -23.56 17.86 -11.57
C ALA B 14 -24.72 17.96 -10.59
N GLU B 15 -24.76 19.05 -9.84
CA GLU B 15 -25.80 19.24 -8.84
C GLU B 15 -27.17 19.42 -9.49
N LEU B 16 -27.21 20.11 -10.61
CA LEU B 16 -28.45 20.27 -11.36
C LEU B 16 -29.00 18.92 -11.82
N ILE B 17 -28.14 18.12 -12.44
CA ILE B 17 -28.53 16.79 -12.90
C ILE B 17 -29.01 15.90 -11.75
N LYS B 18 -28.24 15.87 -10.67
CA LYS B 18 -28.62 15.08 -9.49
C LYS B 18 -29.96 15.53 -8.92
N MET B 19 -30.19 16.84 -8.91
CA MET B 19 -31.46 17.39 -8.48
C MET B 19 -32.60 16.83 -9.33
N HIS B 20 -32.47 16.98 -10.65
CA HIS B 20 -33.52 16.52 -11.55
C HIS B 20 -33.73 15.00 -11.50
N ILE B 21 -32.70 14.26 -11.11
CA ILE B 21 -32.84 12.82 -10.92
C ILE B 21 -33.66 12.55 -9.66
N GLU B 22 -33.32 13.22 -8.56
CA GLU B 22 -34.05 13.07 -7.31
C GLU B 22 -35.52 13.49 -7.45
N LEU B 23 -35.79 14.38 -8.40
CA LEU B 23 -37.15 14.82 -8.65
C LEU B 23 -37.90 13.81 -9.51
N GLY B 24 -37.18 12.80 -9.99
CA GLY B 24 -37.77 11.74 -10.79
C GLY B 24 -37.99 12.09 -12.24
N HIS B 25 -37.42 13.21 -12.66
CA HIS B 25 -37.55 13.66 -14.04
C HIS B 25 -36.75 12.81 -15.01
N THR B 26 -37.09 12.90 -16.30
CA THR B 26 -36.36 12.19 -17.34
C THR B 26 -35.20 13.05 -17.85
N ILE B 27 -33.99 12.57 -17.64
CA ILE B 27 -32.80 13.30 -18.06
C ILE B 27 -32.58 13.13 -19.56
N ARG B 28 -32.92 14.16 -20.35
CA ARG B 28 -32.77 14.05 -21.80
C ARG B 28 -31.32 14.24 -22.18
N LEU B 29 -30.73 13.23 -22.81
CA LEU B 29 -29.31 13.27 -23.16
C LEU B 29 -29.09 13.33 -24.66
N ILE B 30 -28.28 14.30 -25.09
CA ILE B 30 -27.90 14.41 -26.50
C ILE B 30 -26.37 14.44 -26.61
N SER B 31 -25.80 13.56 -27.43
CA SER B 31 -24.34 13.53 -27.56
C SER B 31 -23.88 13.41 -29.01
N HIS B 32 -22.61 13.74 -29.25
CA HIS B 32 -22.05 13.66 -30.61
C HIS B 32 -21.82 12.20 -31.03
N ARG B 33 -21.58 11.98 -32.32
CA ARG B 33 -21.59 10.62 -32.88
C ARG B 33 -20.23 9.94 -33.06
N ASP B 34 -19.14 10.67 -32.83
CA ASP B 34 -17.82 10.03 -32.88
C ASP B 34 -17.48 9.36 -31.55
N ALA B 35 -16.27 8.82 -31.44
CA ALA B 35 -15.87 8.07 -30.25
C ALA B 35 -15.94 8.94 -29.00
N ASP B 36 -15.57 10.21 -29.15
CA ASP B 36 -15.61 11.16 -28.03
C ASP B 36 -17.03 11.37 -27.56
N GLY B 37 -17.93 11.62 -28.52
CA GLY B 37 -19.33 11.82 -28.23
C GLY B 37 -20.01 10.57 -27.69
N ILE B 38 -19.72 9.42 -28.31
CA ILE B 38 -20.31 8.16 -27.89
C ILE B 38 -19.89 7.80 -26.45
N THR B 39 -18.59 7.89 -26.16
CA THR B 39 -18.11 7.64 -24.80
C THR B 39 -18.67 8.65 -23.80
N ALA B 40 -18.76 9.91 -24.19
CA ALA B 40 -19.34 10.93 -23.32
C ALA B 40 -20.78 10.58 -22.96
N GLY B 41 -21.55 10.22 -23.98
CA GLY B 41 -22.93 9.79 -23.79
C GLY B 41 -23.02 8.60 -22.86
N ALA B 42 -22.13 7.63 -23.04
CA ALA B 42 -22.11 6.45 -22.18
C ALA B 42 -21.83 6.83 -20.73
N ILE B 43 -20.89 7.75 -20.53
CA ILE B 43 -20.52 8.21 -19.21
C ILE B 43 -21.69 8.88 -18.49
N LEU B 44 -22.35 9.81 -19.17
CA LEU B 44 -23.49 10.48 -18.58
C LEU B 44 -24.66 9.54 -18.33
N ALA B 45 -24.90 8.61 -19.26
CA ALA B 45 -25.98 7.64 -19.14
C ALA B 45 -25.76 6.74 -17.92
N LYS B 46 -24.54 6.26 -17.77
CA LYS B 46 -24.19 5.42 -16.63
C LYS B 46 -24.30 6.20 -15.33
N ALA B 47 -23.87 7.47 -15.36
CA ALA B 47 -23.98 8.33 -14.19
C ALA B 47 -25.44 8.47 -13.75
N VAL B 48 -26.33 8.73 -14.69
CA VAL B 48 -27.75 8.84 -14.40
C VAL B 48 -28.32 7.53 -13.86
N ALA B 49 -28.02 6.43 -14.55
CA ALA B 49 -28.52 5.12 -14.15
C ALA B 49 -28.05 4.70 -12.75
N ARG B 50 -26.84 5.09 -12.40
CA ARG B 50 -26.24 4.72 -11.11
C ARG B 50 -26.98 5.40 -9.95
N GLU B 51 -27.51 6.58 -10.22
CA GLU B 51 -28.26 7.33 -9.21
C GLU B 51 -29.71 6.85 -9.14
N GLY B 52 -30.01 5.75 -9.84
CA GLY B 52 -31.35 5.20 -9.88
C GLY B 52 -32.28 6.00 -10.77
N GLY B 53 -31.70 6.84 -11.62
CA GLY B 53 -32.46 7.75 -12.44
C GLY B 53 -32.85 7.21 -13.80
N THR B 54 -33.59 8.02 -14.56
CA THR B 54 -34.08 7.65 -15.87
C THR B 54 -33.56 8.61 -16.95
N PHE B 55 -32.99 8.05 -18.01
CA PHE B 55 -32.46 8.87 -19.10
C PHE B 55 -33.03 8.46 -20.45
N GLN B 56 -32.95 9.37 -21.41
CA GLN B 56 -33.19 9.04 -22.82
C GLN B 56 -32.08 9.65 -23.66
N LEU B 57 -31.32 8.80 -24.33
CA LEU B 57 -30.12 9.25 -25.04
C LEU B 57 -30.27 9.21 -26.56
N SER B 58 -29.99 10.34 -27.19
CA SER B 58 -29.91 10.41 -28.65
C SER B 58 -28.48 10.68 -29.07
N ILE B 59 -28.00 9.95 -30.08
CA ILE B 59 -26.70 10.21 -30.68
C ILE B 59 -26.91 10.90 -32.02
N VAL B 60 -26.36 12.10 -32.17
CA VAL B 60 -26.66 12.91 -33.35
C VAL B 60 -25.39 13.34 -34.08
N LYS B 61 -25.55 13.74 -35.34
CA LYS B 61 -24.43 14.19 -36.15
C LYS B 61 -23.93 15.56 -35.70
N GLN B 62 -24.85 16.45 -35.38
CA GLN B 62 -24.51 17.80 -34.97
C GLN B 62 -25.72 18.49 -34.37
N VAL B 63 -25.48 19.60 -33.68
CA VAL B 63 -26.57 20.46 -33.22
C VAL B 63 -27.03 21.35 -34.36
N SER B 64 -28.31 21.28 -34.69
CA SER B 64 -28.90 22.12 -35.72
C SER B 64 -30.17 22.74 -35.16
N GLU B 65 -30.64 23.81 -35.81
CA GLU B 65 -31.86 24.49 -35.37
C GLU B 65 -33.05 23.55 -35.38
N GLU B 66 -33.10 22.69 -36.39
CA GLU B 66 -34.15 21.68 -36.51
C GLU B 66 -34.18 20.72 -35.32
N LEU B 67 -33.00 20.22 -34.96
CA LEU B 67 -32.86 19.34 -33.80
C LEU B 67 -33.31 20.04 -32.52
N ILE B 68 -32.94 21.31 -32.38
CA ILE B 68 -33.30 22.08 -31.20
C ILE B 68 -34.81 22.30 -31.12
N ASP B 69 -35.44 22.53 -32.27
CA ASP B 69 -36.90 22.62 -32.32
C ASP B 69 -37.53 21.31 -31.89
N GLN B 70 -36.99 20.20 -32.40
CA GLN B 70 -37.45 18.88 -32.03
C GLN B 70 -37.38 18.65 -30.53
N LEU B 71 -36.24 18.99 -29.94
CA LEU B 71 -36.02 18.79 -28.51
C LEU B 71 -36.91 19.72 -27.69
N ALA B 72 -37.16 20.92 -28.21
CA ALA B 72 -38.03 21.88 -27.55
C ALA B 72 -39.47 21.36 -27.51
N ARG B 73 -39.88 20.69 -28.60
CA ARG B 73 -41.24 20.16 -28.67
C ARG B 73 -41.48 19.01 -27.69
N GLU B 74 -40.40 18.39 -27.22
CA GLU B 74 -40.50 17.33 -26.23
C GLU B 74 -40.86 17.90 -24.86
N LYS B 75 -40.60 19.20 -24.70
CA LYS B 75 -40.91 19.93 -23.46
C LYS B 75 -40.38 19.22 -22.22
N ARG B 76 -39.10 18.87 -22.25
CA ARG B 76 -38.46 18.17 -21.15
C ARG B 76 -38.17 19.13 -20.00
N GLU B 77 -37.82 18.57 -18.85
CA GLU B 77 -37.46 19.37 -17.69
C GLU B 77 -35.96 19.63 -17.67
N ILE B 78 -35.19 18.73 -18.28
CA ILE B 78 -33.74 18.89 -18.33
C ILE B 78 -33.08 18.26 -19.55
N TYR B 79 -32.32 19.08 -20.27
CA TYR B 79 -31.53 18.65 -21.41
C TYR B 79 -30.05 18.72 -21.05
N VAL B 80 -29.31 17.68 -21.42
CA VAL B 80 -27.86 17.68 -21.22
C VAL B 80 -27.17 17.35 -22.54
N PHE B 81 -26.40 18.31 -23.05
CA PHE B 81 -25.67 18.13 -24.30
C PHE B 81 -24.24 17.71 -24.01
N SER B 82 -23.69 16.90 -24.91
CA SER B 82 -22.48 16.15 -24.64
C SER B 82 -21.60 16.09 -25.88
N ASP B 83 -20.39 16.67 -25.76
CA ASP B 83 -19.44 16.83 -26.86
C ASP B 83 -19.99 17.75 -27.96
N LEU B 84 -21.00 18.55 -27.60
CA LEU B 84 -21.56 19.56 -28.50
C LEU B 84 -22.39 20.57 -27.73
N GLY B 85 -22.70 21.69 -28.37
CA GLY B 85 -23.52 22.72 -27.76
C GLY B 85 -22.83 24.06 -27.56
N SER B 86 -21.49 24.03 -27.56
CA SER B 86 -20.70 25.22 -27.27
C SER B 86 -20.90 26.36 -28.25
N GLY B 87 -21.09 26.03 -29.52
CA GLY B 87 -21.27 27.04 -30.56
C GLY B 87 -22.73 27.32 -30.86
N SER B 88 -23.61 26.93 -29.94
CA SER B 88 -25.04 27.10 -30.14
C SER B 88 -25.71 27.59 -28.86
N ILE B 89 -24.91 28.18 -27.97
CA ILE B 89 -25.39 28.69 -26.70
C ILE B 89 -26.64 29.57 -26.86
N GLU B 90 -26.50 30.64 -27.65
CA GLU B 90 -27.63 31.51 -27.98
C GLU B 90 -28.85 30.69 -28.37
N LEU B 91 -28.67 29.77 -29.31
CA LEU B 91 -29.75 28.92 -29.78
C LEU B 91 -30.41 28.23 -28.60
N ILE B 92 -29.60 27.55 -27.79
CA ILE B 92 -30.09 26.81 -26.65
C ILE B 92 -30.75 27.77 -25.66
N GLU B 93 -30.19 28.96 -25.54
CA GLU B 93 -30.75 29.97 -24.65
C GLU B 93 -32.13 30.38 -25.14
N GLU B 94 -32.29 30.44 -26.46
CA GLU B 94 -33.51 30.95 -27.06
C GLU B 94 -34.66 29.96 -26.97
N LYS B 95 -34.41 28.74 -27.43
CA LYS B 95 -35.48 27.77 -27.62
C LYS B 95 -35.67 26.81 -26.45
N LEU B 96 -34.70 26.76 -25.54
CA LEU B 96 -34.79 25.86 -24.40
C LEU B 96 -34.77 26.59 -23.07
N ASN B 97 -35.25 27.83 -23.06
CA ASN B 97 -35.27 28.64 -21.86
C ASN B 97 -36.21 28.11 -20.78
N PHE B 98 -37.23 27.37 -21.20
CA PHE B 98 -38.24 26.86 -20.28
C PHE B 98 -37.72 25.77 -19.35
N ALA B 99 -36.54 25.22 -19.67
CA ALA B 99 -36.02 24.10 -18.91
C ALA B 99 -34.56 24.25 -18.52
N THR B 100 -34.13 23.39 -17.61
CA THR B 100 -32.73 23.30 -17.22
C THR B 100 -31.92 22.69 -18.35
N VAL B 101 -30.79 23.30 -18.71
CA VAL B 101 -29.86 22.67 -19.62
C VAL B 101 -28.43 22.70 -19.10
N VAL B 102 -27.69 21.63 -19.38
CA VAL B 102 -26.28 21.54 -19.06
C VAL B 102 -25.52 21.24 -20.33
N VAL B 103 -24.55 22.07 -20.67
CA VAL B 103 -23.72 21.81 -21.83
C VAL B 103 -22.34 21.37 -21.40
N ALA B 104 -22.03 20.09 -21.64
CA ALA B 104 -20.73 19.53 -21.29
C ALA B 104 -19.89 19.37 -22.55
N ASP B 105 -19.01 20.34 -22.81
CA ASP B 105 -18.27 20.36 -24.07
C ASP B 105 -16.86 20.92 -23.88
N HIS B 106 -16.03 20.78 -24.91
CA HIS B 106 -14.64 21.21 -24.85
C HIS B 106 -14.28 21.99 -26.11
N HIS B 107 -15.25 22.13 -27.01
CA HIS B 107 -15.06 22.97 -28.21
C HIS B 107 -15.15 24.44 -27.82
N PRO B 108 -14.41 25.30 -28.53
CA PRO B 108 -14.39 26.74 -28.24
C PRO B 108 -15.80 27.32 -28.28
N PRO B 109 -16.29 27.81 -27.13
CA PRO B 109 -17.68 28.24 -26.96
C PRO B 109 -17.98 29.61 -27.55
N GLU B 110 -19.22 29.78 -27.99
CA GLU B 110 -19.70 31.05 -28.54
C GLU B 110 -19.74 32.12 -27.45
N LYS B 111 -20.02 31.70 -26.22
CA LYS B 111 -20.06 32.62 -25.10
C LYS B 111 -19.36 32.07 -23.86
N ASP B 112 -19.05 32.98 -22.94
CA ASP B 112 -18.42 32.63 -21.67
C ASP B 112 -19.29 31.63 -20.92
N SER B 113 -20.60 31.83 -21.03
CA SER B 113 -21.57 31.04 -20.30
C SER B 113 -22.97 31.34 -20.79
N PHE B 114 -23.97 30.97 -20.00
CA PHE B 114 -25.35 31.31 -20.32
C PHE B 114 -25.79 32.54 -19.52
N SER B 115 -26.52 33.43 -20.18
CA SER B 115 -27.05 34.61 -19.52
C SER B 115 -28.22 34.21 -18.62
N THR B 116 -28.91 33.15 -19.01
CA THR B 116 -30.05 32.66 -18.26
C THR B 116 -29.63 31.73 -17.13
N ASP B 117 -30.45 31.67 -16.08
CA ASP B 117 -30.20 30.78 -14.96
C ASP B 117 -30.71 29.37 -15.26
N SER B 118 -30.22 28.40 -14.49
CA SER B 118 -30.50 26.98 -14.73
C SER B 118 -30.02 26.51 -16.10
N HIS B 119 -29.20 27.33 -16.74
CA HIS B 119 -28.46 26.95 -17.94
C HIS B 119 -26.98 27.10 -17.63
N VAL B 120 -26.27 25.98 -17.57
CA VAL B 120 -24.86 26.03 -17.16
C VAL B 120 -23.92 25.40 -18.19
N LEU B 121 -22.92 26.18 -18.60
CA LEU B 121 -21.91 25.70 -19.54
C LEU B 121 -20.73 25.08 -18.80
N VAL B 122 -20.56 23.77 -18.97
CA VAL B 122 -19.40 23.09 -18.42
C VAL B 122 -18.35 22.92 -19.53
N ASN B 123 -17.40 23.86 -19.58
CA ASN B 123 -16.42 23.91 -20.65
C ASN B 123 -15.10 24.47 -20.11
N PRO B 124 -13.99 23.73 -20.30
CA PRO B 124 -12.68 24.12 -19.78
C PRO B 124 -12.07 25.30 -20.53
N VAL B 125 -12.39 25.42 -21.82
CA VAL B 125 -11.79 26.43 -22.68
C VAL B 125 -11.88 27.89 -22.17
N PRO B 126 -13.06 28.32 -21.67
CA PRO B 126 -13.12 29.69 -21.13
C PRO B 126 -12.20 29.94 -19.94
N PHE B 127 -11.58 28.88 -19.42
CA PHE B 127 -10.70 29.03 -18.26
C PHE B 127 -9.23 28.91 -18.64
N GLY B 128 -8.95 28.66 -19.91
CA GLY B 128 -7.59 28.67 -20.39
C GLY B 128 -7.05 27.32 -20.86
N ALA B 129 -7.92 26.31 -20.91
CA ALA B 129 -7.51 24.99 -21.37
C ALA B 129 -7.47 24.93 -22.89
N ASN B 130 -6.43 24.29 -23.43
CA ASN B 130 -6.34 24.05 -24.86
C ASN B 130 -7.42 23.03 -25.26
N SER B 131 -8.21 23.39 -26.26
CA SER B 131 -9.35 22.58 -26.66
C SER B 131 -8.97 21.21 -27.23
N VAL B 132 -7.80 21.12 -27.84
CA VAL B 132 -7.44 19.90 -28.55
C VAL B 132 -6.48 18.98 -27.79
N ARG B 133 -6.07 19.37 -26.59
CA ARG B 133 -5.11 18.53 -25.84
C ARG B 133 -5.30 18.51 -24.32
N ASP B 134 -6.05 19.46 -23.78
CA ASP B 134 -6.23 19.52 -22.32
C ASP B 134 -7.41 18.69 -21.80
N LEU B 135 -8.42 18.49 -22.64
CA LEU B 135 -9.59 17.71 -22.27
C LEU B 135 -10.50 17.51 -23.48
N SER B 136 -11.06 16.31 -23.61
CA SER B 136 -12.03 16.04 -24.67
C SER B 136 -13.46 16.10 -24.12
N GLY B 137 -14.43 15.88 -24.99
CA GLY B 137 -15.83 15.87 -24.57
C GLY B 137 -16.09 14.82 -23.52
N SER B 138 -15.62 13.60 -23.80
CA SER B 138 -15.71 12.50 -22.86
C SER B 138 -15.04 12.86 -21.53
N GLY B 139 -14.00 13.68 -21.60
CA GLY B 139 -13.31 14.13 -20.42
C GLY B 139 -14.19 14.98 -19.50
N VAL B 140 -14.79 16.02 -20.05
CA VAL B 140 -15.66 16.89 -19.24
C VAL B 140 -16.88 16.11 -18.75
N ALA B 141 -17.41 15.25 -19.61
CA ALA B 141 -18.50 14.35 -19.22
C ALA B 141 -18.07 13.55 -17.98
N TYR B 142 -16.84 13.04 -18.03
CA TYR B 142 -16.28 12.27 -16.93
C TYR B 142 -16.18 13.11 -15.66
N PHE B 143 -15.75 14.36 -15.80
CA PHE B 143 -15.66 15.26 -14.65
C PHE B 143 -17.02 15.47 -13.99
N VAL B 144 -18.04 15.72 -14.80
CA VAL B 144 -19.39 15.89 -14.28
C VAL B 144 -19.88 14.62 -13.58
N ALA B 145 -19.65 13.46 -14.20
CA ALA B 145 -20.08 12.19 -13.63
C ALA B 145 -19.38 11.92 -12.29
N ARG B 146 -18.10 12.23 -12.23
CA ARG B 146 -17.31 12.04 -11.02
C ARG B 146 -17.83 12.94 -9.92
N GLU B 147 -18.18 14.18 -10.27
CA GLU B 147 -18.76 15.10 -9.29
C GLU B 147 -20.11 14.60 -8.79
N MET B 148 -20.88 13.97 -9.68
CA MET B 148 -22.15 13.39 -9.31
C MET B 148 -21.96 12.25 -8.30
N ASN B 149 -20.96 11.41 -8.56
CA ASN B 149 -20.70 10.23 -7.74
C ASN B 149 -19.30 9.71 -8.02
N ARG B 150 -18.52 9.50 -6.96
CA ARG B 150 -17.12 9.09 -7.11
C ARG B 150 -16.95 7.75 -7.82
N LYS B 151 -17.91 6.86 -7.66
CA LYS B 151 -17.84 5.54 -8.29
C LYS B 151 -17.70 5.63 -9.81
N ASN B 152 -18.19 6.74 -10.38
CA ASN B 152 -18.09 6.98 -11.82
C ASN B 152 -16.65 7.07 -12.32
N ARG B 153 -15.70 7.10 -11.40
CA ARG B 153 -14.29 6.99 -11.75
C ARG B 153 -14.02 5.68 -12.49
N ASP B 154 -14.90 4.70 -12.33
CA ASP B 154 -14.75 3.43 -13.05
C ASP B 154 -15.05 3.58 -14.55
N MET B 155 -15.34 4.79 -14.98
CA MET B 155 -15.50 5.06 -16.40
C MET B 155 -14.25 5.74 -16.98
N ALA B 156 -13.22 5.87 -16.15
CA ALA B 156 -11.97 6.51 -16.55
C ALA B 156 -11.46 6.03 -17.90
N TYR B 157 -11.25 4.72 -18.03
CA TYR B 157 -10.80 4.14 -19.28
C TYR B 157 -11.69 4.57 -20.44
N VAL B 158 -13.00 4.48 -20.25
CA VAL B 158 -13.95 4.89 -21.27
C VAL B 158 -13.66 6.32 -21.71
N ALA B 159 -13.50 7.21 -20.73
CA ALA B 159 -13.20 8.61 -21.01
C ALA B 159 -11.95 8.70 -21.90
N ILE B 160 -10.91 7.96 -21.52
CA ILE B 160 -9.65 8.03 -22.24
C ILE B 160 -9.81 7.52 -23.66
N VAL B 161 -10.68 6.53 -23.85
CA VAL B 161 -10.97 6.05 -25.20
C VAL B 161 -11.43 7.23 -26.03
N GLY B 162 -12.41 7.96 -25.50
CA GLY B 162 -12.89 9.17 -26.16
C GLY B 162 -11.76 10.13 -26.41
N ALA B 163 -10.91 10.32 -25.40
CA ALA B 163 -9.80 11.25 -25.51
C ALA B 163 -8.86 10.82 -26.63
N VAL B 164 -8.71 9.50 -26.80
CA VAL B 164 -7.82 8.98 -27.83
C VAL B 164 -8.50 9.13 -29.20
N GLY B 165 -9.82 9.03 -29.21
CA GLY B 165 -10.56 9.21 -30.45
C GLY B 165 -10.47 10.65 -30.93
N ASP B 166 -10.40 11.57 -29.96
CA ASP B 166 -10.36 13.00 -30.26
C ASP B 166 -8.93 13.46 -30.56
N MET B 167 -8.00 12.51 -30.54
CA MET B 167 -6.58 12.79 -30.81
C MET B 167 -5.97 13.76 -29.81
N GLN B 168 -6.35 13.64 -28.55
CA GLN B 168 -5.81 14.46 -27.48
C GLN B 168 -4.33 14.17 -27.25
N GLU B 169 -3.90 12.96 -27.60
CA GLU B 169 -2.50 12.55 -27.46
C GLU B 169 -1.80 12.50 -28.80
N ILE B 170 -2.11 13.46 -29.67
CA ILE B 170 -1.58 13.49 -31.03
C ILE B 170 -0.05 13.54 -31.07
N ASP B 171 0.56 14.08 -30.02
CA ASP B 171 2.02 14.23 -30.00
C ASP B 171 2.72 13.08 -29.27
N GLY B 172 1.95 12.05 -28.92
CA GLY B 172 2.50 10.86 -28.29
C GLY B 172 2.37 10.81 -26.79
N THR B 173 1.74 11.82 -26.21
CA THR B 173 1.60 11.89 -24.75
C THR B 173 0.35 12.70 -24.36
N PHE B 174 -0.12 12.51 -23.13
CA PHE B 174 -1.32 13.19 -22.66
C PHE B 174 -0.98 14.48 -21.93
N HIS B 175 -1.91 15.43 -21.93
CA HIS B 175 -1.70 16.74 -21.32
C HIS B 175 -2.92 17.21 -20.53
N GLY B 176 -2.69 18.17 -19.64
CA GLY B 176 -3.76 18.80 -18.88
C GLY B 176 -4.60 17.83 -18.08
N LEU B 177 -5.89 18.16 -17.98
CA LEU B 177 -6.83 17.41 -17.15
C LEU B 177 -6.93 15.93 -17.50
N ASN B 178 -6.66 15.59 -18.77
CA ASN B 178 -6.59 14.20 -19.20
C ASN B 178 -5.75 13.38 -18.23
N LEU B 179 -4.57 13.93 -17.88
CA LEU B 179 -3.66 13.25 -16.97
C LEU B 179 -4.38 12.81 -15.70
N GLU B 180 -5.15 13.72 -15.12
CA GLU B 180 -5.87 13.42 -13.89
C GLU B 180 -6.76 12.20 -14.07
N ILE B 181 -7.53 12.19 -15.16
CA ILE B 181 -8.40 11.07 -15.46
C ILE B 181 -7.59 9.78 -15.48
N ILE B 182 -6.47 9.82 -16.19
CA ILE B 182 -5.59 8.65 -16.29
C ILE B 182 -5.17 8.18 -14.91
N GLU B 183 -4.82 9.13 -14.05
CA GLU B 183 -4.43 8.80 -12.69
C GLU B 183 -5.52 7.96 -12.02
N ASP B 184 -6.76 8.43 -12.11
CA ASP B 184 -7.88 7.72 -11.53
C ASP B 184 -7.88 6.28 -12.02
N GLY B 185 -7.74 6.11 -13.33
CA GLY B 185 -7.72 4.80 -13.94
C GLY B 185 -6.67 3.93 -13.29
N LYS B 186 -5.44 4.46 -13.19
CA LYS B 186 -4.34 3.70 -12.60
C LYS B 186 -4.67 3.31 -11.18
N GLU B 187 -5.31 4.22 -10.44
CA GLU B 187 -5.64 3.96 -9.05
C GLU B 187 -6.66 2.84 -8.95
N LEU B 188 -7.53 2.71 -9.95
CA LEU B 188 -8.56 1.69 -9.94
C LEU B 188 -8.08 0.41 -10.59
N GLY B 189 -6.95 0.48 -11.29
CA GLY B 189 -6.39 -0.66 -11.98
C GLY B 189 -7.21 -1.04 -13.19
N ILE B 190 -7.89 -0.05 -13.78
CA ILE B 190 -8.69 -0.29 -14.98
C ILE B 190 -8.01 0.26 -16.24
N LEU B 191 -6.86 0.90 -16.06
CA LEU B 191 -6.05 1.31 -17.21
C LEU B 191 -4.56 1.40 -16.87
N GLU B 192 -3.74 1.19 -17.89
CA GLU B 192 -2.29 1.32 -17.77
C GLU B 192 -1.78 2.01 -19.03
N VAL B 193 -0.69 2.76 -18.89
CA VAL B 193 -0.09 3.44 -20.03
C VAL B 193 1.22 2.77 -20.43
N ARG B 194 1.29 2.32 -21.68
CA ARG B 194 2.47 1.64 -22.19
C ARG B 194 3.26 2.54 -23.14
N LYS B 195 4.56 2.29 -23.25
CA LYS B 195 5.36 2.98 -24.26
C LYS B 195 5.53 2.06 -25.46
N GLU B 196 4.70 2.27 -26.48
CA GLU B 196 4.65 1.33 -27.60
C GLU B 196 4.41 2.00 -28.95
N LEU B 197 4.24 1.16 -29.96
CA LEU B 197 3.86 1.60 -31.30
C LEU B 197 2.49 2.25 -31.25
N ARG B 198 2.43 3.54 -31.58
CA ARG B 198 1.20 4.32 -31.47
C ARG B 198 0.23 4.11 -32.63
N LEU B 199 0.36 2.99 -33.33
CA LEU B 199 -0.45 2.75 -34.52
C LEU B 199 -1.65 1.87 -34.25
N PHE B 200 -2.66 1.97 -35.12
CA PHE B 200 -3.88 1.20 -34.97
C PHE B 200 -3.67 -0.27 -35.28
N GLY B 201 -4.29 -1.12 -34.48
CA GLY B 201 -4.34 -2.54 -34.79
C GLY B 201 -3.39 -3.41 -33.99
N ARG B 202 -3.09 -3.01 -32.76
CA ARG B 202 -2.19 -3.82 -31.93
C ARG B 202 -2.93 -5.02 -31.32
N GLU B 203 -4.25 -4.98 -31.35
CA GLU B 203 -5.06 -6.02 -30.73
C GLU B 203 -5.65 -7.01 -31.74
N SER B 204 -6.19 -6.50 -32.85
CA SER B 204 -6.98 -7.33 -33.75
C SER B 204 -6.44 -7.41 -35.17
N ARG B 205 -5.30 -6.79 -35.44
CA ARG B 205 -4.73 -6.79 -36.77
C ARG B 205 -3.34 -7.43 -36.80
N PRO B 206 -3.00 -8.09 -37.92
CA PRO B 206 -1.65 -8.62 -38.09
C PRO B 206 -0.66 -7.47 -38.24
N LEU B 207 0.62 -7.73 -37.96
CA LEU B 207 1.64 -6.69 -38.00
C LEU B 207 1.67 -5.92 -39.32
N TYR B 208 1.54 -6.63 -40.43
CA TYR B 208 1.68 -6.01 -41.74
C TYR B 208 0.57 -5.00 -42.02
N GLN B 209 -0.63 -5.23 -41.51
CA GLN B 209 -1.72 -4.28 -41.64
C GLN B 209 -1.51 -3.11 -40.68
N MET B 210 -0.95 -3.40 -39.51
CA MET B 210 -0.65 -2.37 -38.53
C MET B 210 0.33 -1.37 -39.12
N LEU B 211 1.28 -1.87 -39.89
CA LEU B 211 2.27 -1.00 -40.52
C LEU B 211 1.76 -0.35 -41.81
N ALA B 212 0.98 -1.10 -42.58
CA ALA B 212 0.49 -0.60 -43.87
C ALA B 212 -0.62 0.45 -43.73
N TYR B 213 -1.36 0.39 -42.64
CA TYR B 213 -2.47 1.32 -42.42
C TYR B 213 -2.03 2.49 -41.57
N ALA B 214 -0.71 2.63 -41.38
CA ALA B 214 -0.16 3.60 -40.45
C ALA B 214 -0.34 5.06 -40.87
N THR B 215 -1.11 5.80 -40.08
CA THR B 215 -1.17 7.25 -40.17
C THR B 215 -0.92 7.83 -38.78
N ASN B 216 -0.40 9.05 -38.73
CA ASN B 216 -0.01 9.68 -37.47
C ASN B 216 0.80 8.76 -36.55
N PRO B 217 2.10 8.57 -36.87
CA PRO B 217 2.75 9.11 -38.05
C PRO B 217 2.63 8.14 -39.22
N GLU B 218 2.92 8.62 -40.43
CA GLU B 218 2.98 7.73 -41.58
C GLU B 218 4.39 7.20 -41.75
N ILE B 219 4.49 5.96 -42.24
CA ILE B 219 5.78 5.33 -42.47
C ILE B 219 6.06 5.27 -43.97
N PRO B 220 7.07 6.03 -44.43
CA PRO B 220 7.42 6.13 -45.86
C PRO B 220 7.74 4.77 -46.48
N GLU B 221 7.26 4.57 -47.71
CA GLU B 221 7.48 3.34 -48.47
C GLU B 221 6.87 2.09 -47.82
N ILE B 222 5.98 2.29 -46.86
CA ILE B 222 5.29 1.17 -46.21
C ILE B 222 3.80 1.47 -46.10
N THR B 223 3.46 2.67 -45.67
CA THR B 223 2.07 3.12 -45.61
C THR B 223 1.43 3.03 -46.99
N GLY B 224 0.39 2.22 -47.11
CA GLY B 224 -0.34 2.07 -48.37
C GLY B 224 0.04 0.84 -49.16
N ASP B 225 1.21 0.28 -48.86
CA ASP B 225 1.72 -0.88 -49.59
C ASP B 225 1.93 -2.08 -48.67
N GLU B 226 0.95 -2.98 -48.66
CA GLU B 226 1.01 -4.16 -47.79
C GLU B 226 2.12 -5.12 -48.18
N ARG B 227 2.42 -5.19 -49.48
CA ARG B 227 3.48 -6.07 -49.97
C ARG B 227 4.83 -5.70 -49.39
N LYS B 228 5.13 -4.40 -49.43
CA LYS B 228 6.39 -3.89 -48.87
C LYS B 228 6.43 -4.10 -47.36
N ALA B 229 5.26 -4.03 -46.72
CA ALA B 229 5.16 -4.24 -45.28
C ALA B 229 5.49 -5.68 -44.91
N ILE B 230 4.92 -6.62 -45.67
CA ILE B 230 5.18 -8.04 -45.44
C ILE B 230 6.64 -8.39 -45.74
N GLU B 231 7.17 -7.87 -46.83
CA GLU B 231 8.56 -8.12 -47.18
C GLU B 231 9.51 -7.54 -46.13
N TRP B 232 9.19 -6.34 -45.64
CA TRP B 232 10.01 -5.68 -44.63
C TRP B 232 9.97 -6.44 -43.32
N LEU B 233 8.78 -6.87 -42.91
CA LEU B 233 8.64 -7.64 -41.67
C LEU B 233 9.32 -8.99 -41.75
N ARG B 234 9.23 -9.64 -42.91
CA ARG B 234 9.91 -10.90 -43.12
C ARG B 234 11.42 -10.71 -43.08
N ALA B 235 11.89 -9.60 -43.65
CA ALA B 235 13.32 -9.31 -43.71
C ALA B 235 13.92 -9.03 -42.33
N LYS B 236 13.10 -8.49 -41.43
CA LYS B 236 13.57 -8.15 -40.08
C LYS B 236 13.34 -9.30 -39.10
N GLY B 237 12.86 -10.42 -39.61
CA GLY B 237 12.68 -11.61 -38.78
C GLY B 237 11.37 -11.65 -38.02
N PHE B 238 10.36 -10.96 -38.53
CA PHE B 238 9.05 -10.95 -37.88
C PHE B 238 8.04 -11.77 -38.66
N ASP B 239 7.08 -12.35 -37.95
CA ASP B 239 5.95 -13.04 -38.54
C ASP B 239 4.92 -11.98 -38.89
N PRO B 240 4.77 -11.65 -40.19
CA PRO B 240 3.87 -10.57 -40.60
C PRO B 240 2.41 -10.87 -40.29
N GLU B 241 2.10 -12.15 -40.07
CA GLU B 241 0.74 -12.57 -39.79
C GLU B 241 0.44 -12.49 -38.29
N MET B 242 1.49 -12.32 -37.50
CA MET B 242 1.36 -12.22 -36.05
C MET B 242 0.76 -10.88 -35.66
N LYS B 243 0.11 -10.82 -34.50
CA LYS B 243 -0.45 -9.58 -34.00
C LYS B 243 0.48 -8.96 -32.96
N TYR B 244 0.52 -7.64 -32.92
CA TYR B 244 1.44 -6.89 -32.07
C TYR B 244 1.41 -7.31 -30.60
N TRP B 245 0.22 -7.57 -30.07
CA TRP B 245 0.08 -7.93 -28.67
C TRP B 245 0.73 -9.27 -28.35
N GLN B 246 0.86 -10.12 -29.38
CA GLN B 246 1.44 -11.44 -29.20
C GLN B 246 2.96 -11.41 -29.11
N LEU B 247 3.55 -10.27 -29.48
CA LEU B 247 4.99 -10.10 -29.39
C LEU B 247 5.46 -10.03 -27.94
N ARG B 248 6.67 -10.52 -27.69
CA ARG B 248 7.31 -10.35 -26.40
C ARG B 248 7.85 -8.93 -26.34
N GLU B 249 8.13 -8.43 -25.13
CA GLU B 249 8.58 -7.06 -24.96
C GLU B 249 9.87 -6.76 -25.74
N GLU B 250 10.78 -7.73 -25.76
CA GLU B 250 12.01 -7.60 -26.54
C GLU B 250 11.72 -7.53 -28.03
N GLU B 251 10.77 -8.34 -28.48
CA GLU B 251 10.36 -8.34 -29.89
C GLU B 251 9.81 -6.97 -30.27
N LYS B 252 9.04 -6.37 -29.37
CA LYS B 252 8.51 -5.02 -29.57
C LYS B 252 9.64 -4.01 -29.65
N ARG B 253 10.61 -4.15 -28.74
CA ARG B 253 11.81 -3.30 -28.75
C ARG B 253 12.48 -3.32 -30.12
N LYS B 254 12.67 -4.54 -30.63
CA LYS B 254 13.30 -4.74 -31.93
C LYS B 254 12.49 -4.10 -33.05
N LEU B 255 11.18 -4.31 -33.02
CA LEU B 255 10.27 -3.71 -34.00
C LEU B 255 10.41 -2.19 -34.02
N HIS B 256 10.41 -1.59 -32.83
CA HIS B 256 10.53 -0.14 -32.70
C HIS B 256 11.85 0.38 -33.25
N GLU B 257 12.95 -0.22 -32.80
CA GLU B 257 14.28 0.20 -33.27
C GLU B 257 14.39 0.10 -34.79
N ALA B 258 13.96 -1.02 -35.33
CA ALA B 258 13.98 -1.23 -36.78
C ALA B 258 13.15 -0.19 -37.53
N LEU B 259 11.94 0.08 -37.02
CA LEU B 259 11.06 1.06 -37.65
C LEU B 259 11.64 2.47 -37.63
N LEU B 260 12.21 2.85 -36.49
CA LEU B 260 12.86 4.16 -36.36
C LEU B 260 13.98 4.31 -37.37
N VAL B 261 14.87 3.31 -37.41
CA VAL B 261 15.95 3.29 -38.39
C VAL B 261 15.41 3.42 -39.81
N HIS B 262 14.35 2.69 -40.12
CA HIS B 262 13.73 2.76 -41.43
C HIS B 262 13.25 4.17 -41.76
N MET B 263 12.61 4.83 -40.80
CA MET B 263 12.07 6.15 -41.03
C MET B 263 13.17 7.20 -41.20
N ILE B 264 14.27 7.05 -40.48
CA ILE B 264 15.40 7.94 -40.68
C ILE B 264 16.03 7.71 -42.06
N LYS B 265 16.15 6.45 -42.45
CA LYS B 265 16.76 6.10 -43.73
C LYS B 265 15.94 6.58 -44.93
N HIS B 266 14.66 6.87 -44.69
CA HIS B 266 13.76 7.27 -45.78
C HIS B 266 13.27 8.71 -45.68
N GLY B 267 13.97 9.53 -44.92
CA GLY B 267 13.73 10.95 -44.88
C GLY B 267 12.43 11.39 -44.21
N ALA B 268 11.91 10.56 -43.32
CA ALA B 268 10.73 10.92 -42.55
C ALA B 268 11.05 12.11 -41.65
N PRO B 269 10.13 13.07 -41.53
CA PRO B 269 10.33 14.26 -40.70
C PRO B 269 10.53 13.90 -39.23
N LYS B 270 11.21 14.77 -38.50
CA LYS B 270 11.51 14.53 -37.08
C LYS B 270 10.25 14.37 -36.24
N GLU B 271 9.20 15.12 -36.58
CA GLU B 271 7.95 15.09 -35.82
C GLU B 271 7.29 13.71 -35.95
N ALA B 272 7.20 13.22 -37.18
CA ALA B 272 6.67 11.89 -37.45
C ALA B 272 7.43 10.85 -36.64
N ILE B 273 8.75 10.90 -36.68
CA ILE B 273 9.61 9.99 -35.92
C ILE B 273 9.33 10.09 -34.42
N ASP B 274 9.09 11.31 -33.95
CA ASP B 274 8.79 11.56 -32.54
C ASP B 274 7.45 10.95 -32.15
N ARG B 275 6.57 10.80 -33.12
CA ARG B 275 5.23 10.29 -32.84
C ARG B 275 5.04 8.79 -33.07
N LEU B 276 6.13 8.09 -33.43
CA LEU B 276 6.06 6.65 -33.69
C LEU B 276 5.84 5.83 -32.42
N ILE B 277 6.68 6.07 -31.41
CA ILE B 277 6.56 5.37 -30.14
C ILE B 277 6.12 6.33 -29.03
N GLY B 278 5.08 5.96 -28.31
CA GLY B 278 4.59 6.79 -27.22
C GLY B 278 3.52 6.12 -26.38
N ASP B 279 2.69 6.95 -25.74
CA ASP B 279 1.64 6.49 -24.85
C ASP B 279 0.59 5.67 -25.59
N VAL B 280 0.39 4.44 -25.14
CA VAL B 280 -0.66 3.57 -25.64
C VAL B 280 -1.47 3.09 -24.45
N VAL B 281 -2.76 3.41 -24.44
CA VAL B 281 -3.59 3.12 -23.26
C VAL B 281 -4.24 1.75 -23.35
N ILE B 282 -4.01 0.96 -22.30
CA ILE B 282 -4.47 -0.43 -22.24
C ILE B 282 -5.42 -0.59 -21.05
N SER B 283 -6.38 -1.49 -21.16
CA SER B 283 -7.28 -1.77 -20.03
C SER B 283 -7.32 -3.25 -19.66
N PRO B 284 -6.95 -3.57 -18.42
CA PRO B 284 -7.04 -4.93 -17.87
C PRO B 284 -8.49 -5.42 -17.71
N LEU B 285 -9.46 -4.56 -17.96
CA LEU B 285 -10.87 -4.93 -17.87
C LEU B 285 -11.24 -5.90 -18.99
N TYR B 286 -10.47 -5.90 -20.06
CA TYR B 286 -10.72 -6.78 -21.19
C TYR B 286 -9.51 -7.67 -21.47
N PRO B 287 -9.75 -8.84 -22.06
CA PRO B 287 -8.65 -9.74 -22.41
C PRO B 287 -7.79 -9.16 -23.51
N GLU B 288 -6.47 -9.30 -23.41
CA GLU B 288 -5.58 -8.84 -24.48
C GLU B 288 -5.92 -9.58 -25.78
N GLY B 289 -5.92 -8.85 -26.89
CA GLY B 289 -6.31 -9.42 -28.17
C GLY B 289 -7.72 -8.98 -28.53
N ASP B 290 -8.48 -8.57 -27.52
CA ASP B 290 -9.81 -8.03 -27.72
C ASP B 290 -9.67 -6.58 -28.16
N VAL B 291 -10.51 -6.17 -29.11
CA VAL B 291 -10.51 -4.82 -29.64
C VAL B 291 -10.61 -3.78 -28.51
N ARG B 292 -11.41 -4.07 -27.50
CA ARG B 292 -11.65 -3.15 -26.40
C ARG B 292 -10.48 -3.05 -25.41
N HIS B 293 -9.44 -3.83 -25.65
CA HIS B 293 -8.29 -3.86 -24.74
C HIS B 293 -7.42 -2.62 -24.87
N GLU B 294 -7.50 -1.95 -26.01
CA GLU B 294 -6.67 -0.76 -26.26
C GLU B 294 -7.51 0.41 -26.74
N ALA B 295 -7.18 1.60 -26.25
CA ALA B 295 -7.99 2.80 -26.47
C ALA B 295 -8.25 3.16 -27.93
N ARG B 296 -7.21 3.14 -28.77
CA ARG B 296 -7.36 3.51 -30.17
C ARG B 296 -8.26 2.53 -30.92
N GLU B 297 -8.09 1.24 -30.64
CA GLU B 297 -8.87 0.20 -31.30
C GLU B 297 -10.36 0.31 -30.91
N PHE B 298 -10.60 0.47 -29.62
CA PHE B 298 -11.92 0.67 -29.07
C PHE B 298 -12.58 1.88 -29.73
N ALA B 299 -11.83 2.99 -29.78
CA ALA B 299 -12.32 4.22 -30.39
C ALA B 299 -12.67 4.03 -31.86
N THR B 300 -11.83 3.26 -32.56
CA THR B 300 -12.07 2.96 -33.97
C THR B 300 -13.39 2.22 -34.13
N LEU B 301 -13.61 1.22 -33.28
CA LEU B 301 -14.87 0.49 -33.26
C LEU B 301 -16.07 1.42 -33.06
N LEU B 302 -15.97 2.26 -32.03
CA LEU B 302 -17.06 3.21 -31.72
C LEU B 302 -17.36 4.17 -32.86
N ASN B 303 -16.31 4.77 -33.43
CA ASN B 303 -16.45 5.65 -34.58
C ASN B 303 -17.13 4.93 -35.74
N ALA B 304 -16.73 3.69 -35.96
CA ALA B 304 -17.35 2.86 -36.98
C ALA B 304 -18.85 2.73 -36.73
N THR B 305 -19.24 2.38 -35.51
CA THR B 305 -20.67 2.26 -35.18
C THR B 305 -21.40 3.58 -35.34
N GLY B 306 -20.68 4.68 -35.16
CA GLY B 306 -21.26 6.01 -35.34
C GLY B 306 -21.53 6.29 -36.81
N ARG B 307 -20.61 5.87 -37.66
CA ARG B 307 -20.75 6.06 -39.11
C ARG B 307 -21.94 5.28 -39.67
N LEU B 308 -22.32 4.20 -38.98
CA LEU B 308 -23.37 3.31 -39.45
C LEU B 308 -24.72 3.62 -38.80
N ASN B 309 -24.84 4.81 -38.25
CA ASN B 309 -26.08 5.25 -37.59
C ASN B 309 -26.50 4.35 -36.43
N ALA B 310 -25.51 3.88 -35.68
CA ALA B 310 -25.77 3.04 -34.52
C ALA B 310 -24.83 3.40 -33.36
N GLY B 311 -24.62 4.70 -33.17
CA GLY B 311 -23.75 5.18 -32.11
C GLY B 311 -24.24 4.78 -30.74
N THR B 312 -25.55 4.58 -30.63
CA THR B 312 -26.14 4.18 -29.36
C THR B 312 -25.73 2.74 -29.00
N LEU B 313 -25.43 1.94 -30.02
CA LEU B 313 -24.94 0.59 -29.80
C LEU B 313 -23.53 0.65 -29.22
N GLY B 314 -22.73 1.57 -29.74
CA GLY B 314 -21.40 1.81 -29.22
C GLY B 314 -21.47 2.27 -27.77
N VAL B 315 -22.44 3.13 -27.50
CA VAL B 315 -22.71 3.57 -26.13
C VAL B 315 -22.95 2.34 -25.26
N ALA B 316 -23.80 1.43 -25.74
CA ALA B 316 -24.09 0.20 -25.03
C ALA B 316 -22.82 -0.63 -24.78
N ILE B 317 -21.92 -0.66 -25.76
CA ILE B 317 -20.66 -1.37 -25.60
C ILE B 317 -19.83 -0.76 -24.46
N CYS B 318 -19.76 0.57 -24.43
CA CYS B 318 -19.04 1.26 -23.35
C CYS B 318 -19.70 1.00 -21.99
N LEU B 319 -20.99 0.71 -21.99
CA LEU B 319 -21.73 0.47 -20.76
C LEU B 319 -21.56 -0.95 -20.22
N GLY B 320 -20.88 -1.80 -21.00
CA GLY B 320 -20.57 -3.15 -20.54
C GLY B 320 -21.40 -4.25 -21.17
N ASP B 321 -22.17 -3.91 -22.19
CA ASP B 321 -23.04 -4.88 -22.85
C ASP B 321 -22.26 -5.72 -23.86
N GLU B 322 -22.12 -7.01 -23.57
CA GLU B 322 -21.36 -7.93 -24.42
C GLU B 322 -22.06 -8.17 -25.76
N GLU B 323 -23.37 -8.38 -25.67
CA GLU B 323 -24.21 -8.61 -26.85
C GLU B 323 -24.04 -7.50 -27.88
N ALA B 324 -24.08 -6.25 -27.42
CA ALA B 324 -23.91 -5.10 -28.28
C ALA B 324 -22.57 -5.14 -29.01
N TYR B 325 -21.53 -5.58 -28.30
CA TYR B 325 -20.21 -5.74 -28.89
C TYR B 325 -20.28 -6.75 -30.03
N LYS B 326 -20.91 -7.89 -29.75
CA LYS B 326 -21.08 -8.92 -30.78
C LYS B 326 -21.79 -8.38 -32.03
N VAL B 327 -22.91 -7.71 -31.82
CA VAL B 327 -23.67 -7.12 -32.92
C VAL B 327 -22.82 -6.15 -33.74
N ALA B 328 -22.10 -5.27 -33.03
CA ALA B 328 -21.24 -4.28 -33.67
C ALA B 328 -20.19 -4.93 -34.55
N ARG B 329 -19.55 -5.98 -34.05
CA ARG B 329 -18.58 -6.72 -34.85
C ARG B 329 -19.24 -7.28 -36.10
N LYS B 330 -20.38 -7.95 -35.90
CA LYS B 330 -21.11 -8.58 -37.00
C LYS B 330 -21.50 -7.59 -38.10
N MET B 331 -21.84 -6.36 -37.74
CA MET B 331 -22.22 -5.38 -38.75
C MET B 331 -21.01 -4.67 -39.36
N LEU B 332 -19.91 -4.62 -38.61
CA LEU B 332 -18.65 -4.14 -39.17
C LEU B 332 -18.21 -5.08 -40.29
N ASP B 333 -18.47 -6.36 -40.11
CA ASP B 333 -18.18 -7.34 -41.17
C ASP B 333 -18.91 -7.05 -42.47
N ASP B 334 -19.96 -6.24 -42.40
CA ASP B 334 -20.70 -5.83 -43.59
C ASP B 334 -20.21 -4.48 -44.07
N TYR B 335 -19.84 -3.62 -43.12
CA TYR B 335 -19.22 -2.33 -43.41
C TYR B 335 -18.01 -2.53 -44.32
N LYS B 336 -17.20 -3.55 -44.00
CA LYS B 336 -16.03 -3.89 -44.81
C LYS B 336 -16.38 -4.19 -46.26
N LYS B 337 -17.34 -5.09 -46.45
CA LYS B 337 -17.79 -5.47 -47.79
C LYS B 337 -18.30 -4.27 -48.56
N GLU B 338 -19.05 -3.40 -47.89
CA GLU B 338 -19.57 -2.20 -48.52
C GLU B 338 -18.45 -1.29 -49.01
N GLN B 339 -17.49 -1.00 -48.13
CA GLN B 339 -16.36 -0.16 -48.53
C GLN B 339 -15.56 -0.77 -49.68
N ILE B 340 -15.41 -2.09 -49.66
CA ILE B 340 -14.69 -2.80 -50.73
C ILE B 340 -15.42 -2.65 -52.06
N GLU B 341 -16.73 -2.87 -52.06
CA GLU B 341 -17.54 -2.76 -53.26
C GLU B 341 -17.54 -1.33 -53.80
N ALA B 342 -17.55 -0.36 -52.90
CA ALA B 342 -17.51 1.04 -53.29
C ALA B 342 -16.15 1.41 -53.90
N ARG B 343 -15.09 0.83 -53.34
CA ARG B 343 -13.75 1.05 -53.85
C ARG B 343 -13.59 0.47 -55.26
N LYS B 344 -14.04 -0.77 -55.43
CA LYS B 344 -13.98 -1.45 -56.73
C LYS B 344 -14.69 -0.64 -57.81
N PHE B 345 -15.80 -0.02 -57.44
CA PHE B 345 -16.57 0.82 -58.35
C PHE B 345 -15.81 2.09 -58.68
N GLU C 25 -11.59 -14.08 46.79
CA GLU C 25 -10.97 -13.47 45.63
C GLU C 25 -11.15 -14.31 44.38
N VAL C 26 -11.06 -13.67 43.22
CA VAL C 26 -11.24 -14.34 41.94
C VAL C 26 -9.91 -14.86 41.37
N PRO C 27 -9.84 -16.16 41.07
CA PRO C 27 -8.63 -16.77 40.53
C PRO C 27 -8.26 -16.21 39.15
N LYS C 28 -7.01 -15.78 39.00
CA LYS C 28 -6.55 -15.20 37.74
C LYS C 28 -5.15 -15.66 37.36
N GLU C 29 -4.88 -15.71 36.06
CA GLU C 29 -3.58 -16.11 35.56
C GLU C 29 -3.06 -15.13 34.50
N ALA C 30 -1.82 -15.34 34.07
CA ALA C 30 -1.23 -14.51 33.04
C ALA C 30 -1.32 -15.17 31.67
N TYR C 31 -1.64 -14.39 30.66
CA TYR C 31 -1.82 -14.91 29.31
C TYR C 31 -1.21 -14.00 28.26
N ILE C 32 -0.83 -14.59 27.12
CA ILE C 32 -0.53 -13.82 25.93
C ILE C 32 -1.73 -13.90 25.00
N ILE C 33 -2.27 -12.75 24.62
CA ILE C 33 -3.45 -12.69 23.76
C ILE C 33 -3.05 -12.73 22.29
N GLN C 34 -3.61 -13.68 21.55
CA GLN C 34 -3.21 -13.91 20.16
C GLN C 34 -3.87 -12.97 19.14
N ILE C 35 -5.08 -12.52 19.45
CA ILE C 35 -5.84 -11.67 18.54
C ILE C 35 -6.38 -10.43 19.25
N ASP C 36 -6.79 -9.44 18.47
CA ASP C 36 -7.45 -8.26 19.04
C ASP C 36 -8.72 -8.70 19.75
N LEU C 37 -9.02 -8.07 20.88
CA LEU C 37 -10.15 -8.47 21.69
C LEU C 37 -10.76 -7.27 22.41
N PRO C 38 -12.09 -7.10 22.30
CA PRO C 38 -12.79 -6.01 22.98
C PRO C 38 -12.84 -6.23 24.49
N ALA C 39 -13.06 -5.15 25.23
CA ALA C 39 -13.13 -5.23 26.69
C ALA C 39 -14.24 -6.16 27.16
N VAL C 40 -14.04 -6.77 28.32
CA VAL C 40 -14.93 -7.79 28.84
C VAL C 40 -15.04 -7.68 30.35
N LEU C 41 -16.25 -7.76 30.88
CA LEU C 41 -16.46 -7.70 32.32
C LEU C 41 -16.11 -9.05 32.95
N GLY C 42 -15.52 -9.01 34.13
CA GLY C 42 -15.15 -10.23 34.83
C GLY C 42 -16.06 -10.49 36.02
N PRO C 43 -15.94 -11.69 36.62
CA PRO C 43 -16.77 -12.07 37.76
C PRO C 43 -16.48 -11.23 39.01
N ASP C 44 -15.44 -10.40 38.95
CA ASP C 44 -15.09 -9.52 40.05
C ASP C 44 -15.56 -8.10 39.77
N MET C 45 -16.41 -7.96 38.75
CA MET C 45 -16.99 -6.67 38.36
C MET C 45 -15.94 -5.65 37.90
N LYS C 46 -14.80 -6.15 37.43
CA LYS C 46 -13.77 -5.30 36.86
C LYS C 46 -13.65 -5.53 35.36
N GLU C 47 -13.29 -4.49 34.62
CA GLU C 47 -13.16 -4.59 33.17
C GLU C 47 -11.77 -5.04 32.75
N TYR C 48 -11.71 -6.11 31.96
CA TYR C 48 -10.44 -6.61 31.44
C TYR C 48 -10.40 -6.42 29.92
N GLY C 49 -9.33 -5.81 29.44
CA GLY C 49 -9.24 -5.43 28.04
C GLY C 49 -9.50 -3.94 27.90
N PRO C 50 -9.64 -3.46 26.65
CA PRO C 50 -9.51 -4.21 25.40
C PRO C 50 -8.06 -4.57 25.10
N PHE C 51 -7.85 -5.63 24.32
CA PHE C 51 -6.50 -6.13 24.08
C PHE C 51 -6.05 -5.97 22.64
N MET C 52 -4.84 -5.45 22.46
CA MET C 52 -4.17 -5.52 21.18
C MET C 52 -3.57 -6.92 21.06
N ALA C 53 -3.48 -7.43 19.84
CA ALA C 53 -2.90 -8.75 19.63
C ALA C 53 -1.45 -8.79 20.10
N GLY C 54 -1.12 -9.81 20.88
CA GLY C 54 0.23 -9.95 21.40
C GLY C 54 0.41 -9.35 22.79
N ASP C 55 -0.68 -8.83 23.36
CA ASP C 55 -0.61 -8.27 24.70
C ASP C 55 -0.46 -9.36 25.74
N MET C 56 0.34 -9.10 26.77
CA MET C 56 0.39 -9.99 27.92
C MET C 56 -0.44 -9.37 29.02
N ALA C 57 -1.27 -10.19 29.68
CA ALA C 57 -2.21 -9.66 30.67
C ALA C 57 -2.59 -10.67 31.74
N ILE C 58 -2.76 -10.17 32.96
CA ILE C 58 -3.31 -10.95 34.04
C ILE C 58 -4.83 -10.81 33.99
N ILE C 59 -5.53 -11.91 33.75
CA ILE C 59 -6.98 -11.90 33.65
C ILE C 59 -7.57 -13.09 34.41
N PRO C 60 -8.84 -12.97 34.84
CA PRO C 60 -9.49 -14.07 35.59
C PRO C 60 -9.50 -15.37 34.79
N THR C 61 -9.18 -16.46 35.48
CA THR C 61 -8.96 -17.76 34.84
C THR C 61 -10.16 -18.26 34.03
N VAL C 62 -11.36 -17.93 34.47
CA VAL C 62 -12.57 -18.38 33.77
C VAL C 62 -12.59 -17.85 32.34
N ILE C 63 -12.20 -16.60 32.18
CA ILE C 63 -12.14 -15.96 30.87
C ILE C 63 -10.91 -16.43 30.10
N GLY C 64 -9.77 -16.44 30.77
CA GLY C 64 -8.51 -16.82 30.15
C GLY C 64 -8.53 -18.22 29.56
N ARG C 65 -9.00 -19.19 30.33
CA ARG C 65 -9.07 -20.58 29.92
C ARG C 65 -9.94 -20.75 28.69
N ALA C 66 -11.09 -20.08 28.68
CA ALA C 66 -12.00 -20.11 27.54
C ALA C 66 -11.33 -19.50 26.31
N LEU C 67 -10.54 -18.46 26.54
CA LEU C 67 -9.79 -17.84 25.44
C LEU C 67 -8.72 -18.79 24.89
N VAL C 68 -8.12 -19.57 25.78
CA VAL C 68 -7.10 -20.53 25.39
C VAL C 68 -7.68 -21.67 24.57
N GLU C 69 -8.80 -22.22 25.04
CA GLU C 69 -9.46 -23.30 24.31
C GLU C 69 -9.98 -22.81 22.96
N ARG C 70 -10.30 -21.52 22.90
CA ARG C 70 -10.74 -20.88 21.66
C ARG C 70 -9.52 -20.56 20.81
N GLU C 71 -8.33 -20.76 21.39
CA GLU C 71 -7.04 -20.44 20.74
C GLU C 71 -6.86 -18.95 20.48
N ALA C 72 -7.39 -18.13 21.39
CA ALA C 72 -7.20 -16.69 21.33
C ALA C 72 -6.20 -16.26 22.41
N ALA C 73 -5.75 -17.21 23.22
CA ALA C 73 -4.81 -16.92 24.29
C ALA C 73 -3.89 -18.09 24.61
N ARG C 74 -2.75 -17.79 25.23
CA ARG C 74 -1.80 -18.79 25.68
C ARG C 74 -1.48 -18.54 27.14
N ARG C 75 -1.41 -19.57 27.96
CA ARG C 75 -0.98 -19.39 29.34
C ARG C 75 0.50 -19.00 29.37
N VAL C 76 0.86 -18.14 30.33
CA VAL C 76 2.27 -17.89 30.61
C VAL C 76 2.49 -17.97 32.12
N ARG C 77 3.55 -18.67 32.52
CA ARG C 77 3.85 -18.85 33.93
C ARG C 77 4.87 -17.86 34.46
N ILE C 78 4.43 -17.01 35.40
CA ILE C 78 5.30 -16.06 36.04
C ILE C 78 5.71 -16.59 37.41
N PHE C 79 6.90 -17.18 37.49
CA PHE C 79 7.37 -17.75 38.74
C PHE C 79 7.76 -16.69 39.75
N LEU C 80 7.05 -16.64 40.88
CA LEU C 80 7.30 -15.67 41.92
C LEU C 80 7.92 -16.32 43.15
N HIS D 10 -47.48 -17.74 6.49
CA HIS D 10 -46.93 -16.61 7.24
C HIS D 10 -45.93 -17.06 8.31
N SER D 11 -44.70 -16.60 8.18
CA SER D 11 -43.70 -16.80 9.22
C SER D 11 -43.44 -15.47 9.90
N SER D 12 -43.18 -15.50 11.21
CA SER D 12 -43.06 -14.28 12.00
C SER D 12 -41.95 -13.35 11.52
N GLY D 13 -42.19 -12.05 11.65
CA GLY D 13 -41.24 -11.04 11.21
C GLY D 13 -41.65 -10.41 9.89
N GLU D 14 -42.13 -11.24 8.97
CA GLU D 14 -42.47 -10.81 7.62
C GLU D 14 -43.78 -10.02 7.59
N ASN D 15 -43.68 -8.70 7.48
CA ASN D 15 -44.86 -7.84 7.31
C ASN D 15 -44.51 -6.47 6.74
N LEU D 16 -45.53 -5.76 6.27
CA LEU D 16 -45.34 -4.43 5.68
C LEU D 16 -45.70 -3.33 6.67
N TYR D 17 -45.39 -3.55 7.94
CA TYR D 17 -45.76 -2.62 9.00
C TYR D 17 -44.65 -1.62 9.31
N PHE D 18 -43.42 -1.99 9.01
CA PHE D 18 -42.27 -1.18 9.42
C PHE D 18 -41.33 -0.81 8.29
N GLN D 19 -41.88 -0.56 7.10
CA GLN D 19 -41.07 -0.13 5.96
C GLN D 19 -41.54 1.20 5.40
N GLY D 20 -42.21 1.98 6.22
CA GLY D 20 -42.71 3.29 5.82
C GLY D 20 -43.88 3.20 4.86
N HIS D 21 -43.96 4.17 3.95
CA HIS D 21 -45.04 4.20 2.97
C HIS D 21 -44.78 3.26 1.81
N MET D 22 -45.80 2.49 1.43
CA MET D 22 -45.70 1.53 0.34
C MET D 22 -45.64 2.25 -1.01
N SER D 23 -44.44 2.70 -1.39
CA SER D 23 -44.27 3.38 -2.66
C SER D 23 -44.38 2.38 -3.82
N LYS D 24 -45.46 2.49 -4.58
CA LYS D 24 -45.69 1.61 -5.71
C LYS D 24 -44.76 1.94 -6.87
N GLU D 25 -43.53 1.43 -6.81
CA GLU D 25 -42.56 1.65 -7.86
C GLU D 25 -42.78 0.67 -9.01
N VAL D 26 -42.16 0.96 -10.15
CA VAL D 26 -42.34 0.14 -11.35
C VAL D 26 -41.00 -0.35 -11.90
N PRO D 27 -40.90 -1.65 -12.17
CA PRO D 27 -39.67 -2.27 -12.72
C PRO D 27 -39.31 -1.73 -14.10
N LYS D 28 -38.12 -1.17 -14.23
CA LYS D 28 -37.68 -0.60 -15.50
C LYS D 28 -36.25 -0.98 -15.84
N GLU D 29 -35.92 -0.94 -17.13
CA GLU D 29 -34.59 -1.28 -17.61
C GLU D 29 -34.21 -0.43 -18.82
N ALA D 30 -32.95 -0.56 -19.25
CA ALA D 30 -32.47 0.22 -20.39
C ALA D 30 -32.56 -0.56 -21.69
N TYR D 31 -33.07 0.10 -22.73
CA TYR D 31 -33.22 -0.50 -24.05
C TYR D 31 -32.76 0.46 -25.13
N ILE D 32 -32.36 -0.10 -26.26
CA ILE D 32 -32.23 0.66 -27.49
C ILE D 32 -33.53 0.51 -28.26
N ILE D 33 -34.22 1.63 -28.43
CA ILE D 33 -35.42 1.73 -29.24
C ILE D 33 -34.98 1.97 -30.68
N GLN D 34 -35.35 1.02 -31.54
CA GLN D 34 -34.86 0.96 -32.91
C GLN D 34 -35.89 1.47 -33.93
N ILE D 35 -37.00 1.99 -33.43
CA ILE D 35 -38.04 2.55 -34.28
C ILE D 35 -38.51 3.88 -33.74
N ASP D 36 -39.19 4.66 -34.57
CA ASP D 36 -39.86 5.86 -34.09
C ASP D 36 -41.08 5.43 -33.28
N LEU D 37 -41.32 6.12 -32.17
CA LEU D 37 -42.40 5.76 -31.28
C LEU D 37 -42.82 6.94 -30.43
N PRO D 38 -44.07 7.38 -30.56
CA PRO D 38 -44.60 8.48 -29.77
C PRO D 38 -44.68 8.12 -28.29
N ALA D 39 -44.93 9.12 -27.43
CA ALA D 39 -44.94 8.93 -25.99
C ALA D 39 -45.88 7.81 -25.55
N VAL D 40 -45.37 6.90 -24.72
CA VAL D 40 -46.15 5.79 -24.21
C VAL D 40 -46.36 5.94 -22.71
N LEU D 41 -47.59 5.69 -22.25
CA LEU D 41 -47.90 5.77 -20.83
C LEU D 41 -47.44 4.53 -20.09
N GLY D 42 -46.54 4.70 -19.14
CA GLY D 42 -46.08 3.59 -18.32
C GLY D 42 -47.07 3.28 -17.22
N PRO D 43 -46.93 2.10 -16.60
CA PRO D 43 -47.81 1.70 -15.49
C PRO D 43 -47.60 2.57 -14.25
N ASP D 44 -46.55 3.38 -14.25
CA ASP D 44 -46.31 4.33 -13.18
C ASP D 44 -47.01 5.65 -13.48
N MET D 45 -47.81 5.65 -14.55
CA MET D 45 -48.55 6.83 -15.00
C MET D 45 -47.65 8.02 -15.37
N LYS D 46 -46.38 7.72 -15.64
CA LYS D 46 -45.47 8.70 -16.21
C LYS D 46 -45.23 8.28 -17.66
N GLU D 47 -45.16 9.25 -18.57
CA GLU D 47 -45.02 8.89 -19.98
C GLU D 47 -43.57 8.85 -20.46
N TYR D 48 -43.28 7.86 -21.31
CA TYR D 48 -41.93 7.62 -21.78
C TYR D 48 -41.86 7.79 -23.28
N GLY D 49 -40.83 8.51 -23.74
CA GLY D 49 -40.75 8.91 -25.13
C GLY D 49 -41.20 10.35 -25.27
N PRO D 50 -41.43 10.80 -26.52
CA PRO D 50 -41.34 10.04 -27.77
C PRO D 50 -39.90 9.68 -28.14
N PHE D 51 -39.73 8.55 -28.81
CA PHE D 51 -38.41 8.06 -29.20
C PHE D 51 -38.19 8.16 -30.70
N MET D 52 -37.02 8.63 -31.10
CA MET D 52 -36.60 8.50 -32.49
C MET D 52 -35.80 7.21 -32.62
N ALA D 53 -35.77 6.65 -33.82
CA ALA D 53 -35.08 5.39 -34.07
C ALA D 53 -33.62 5.44 -33.64
N GLY D 54 -33.23 4.51 -32.78
CA GLY D 54 -31.86 4.42 -32.32
C GLY D 54 -31.65 5.09 -30.97
N ASP D 55 -32.73 5.42 -30.29
CA ASP D 55 -32.60 6.13 -29.02
C ASP D 55 -32.40 5.13 -27.89
N MET D 56 -31.45 5.37 -26.99
CA MET D 56 -31.35 4.54 -25.80
C MET D 56 -32.09 5.20 -24.65
N ALA D 57 -32.87 4.41 -23.91
CA ALA D 57 -33.67 4.96 -22.83
C ALA D 57 -33.96 3.94 -21.74
N ILE D 58 -34.18 4.42 -20.52
CA ILE D 58 -34.65 3.58 -19.44
C ILE D 58 -36.17 3.68 -19.34
N ILE D 59 -36.84 2.56 -19.59
CA ILE D 59 -38.30 2.52 -19.59
C ILE D 59 -38.79 1.30 -18.82
N PRO D 60 -40.04 1.36 -18.29
CA PRO D 60 -40.66 0.22 -17.62
C PRO D 60 -40.60 -1.04 -18.46
N THR D 61 -40.21 -2.15 -17.83
CA THR D 61 -39.99 -3.42 -18.53
C THR D 61 -41.19 -3.91 -19.34
N VAL D 62 -42.38 -3.47 -18.96
CA VAL D 62 -43.58 -3.79 -19.72
C VAL D 62 -43.44 -3.36 -21.17
N ILE D 63 -43.24 -2.06 -21.37
CA ILE D 63 -43.09 -1.47 -22.68
C ILE D 63 -41.87 -2.04 -23.42
N GLY D 64 -40.74 -2.09 -22.72
CA GLY D 64 -39.49 -2.55 -23.32
C GLY D 64 -39.56 -3.98 -23.83
N ARG D 65 -40.11 -4.87 -23.01
CA ARG D 65 -40.26 -6.28 -23.40
C ARG D 65 -41.32 -6.43 -24.48
N ALA D 66 -42.34 -5.59 -24.45
CA ALA D 66 -43.30 -5.54 -25.53
C ALA D 66 -42.60 -5.18 -26.84
N LEU D 67 -41.57 -4.34 -26.73
CA LEU D 67 -40.82 -3.88 -27.89
C LEU D 67 -39.81 -4.91 -28.40
N VAL D 68 -39.21 -5.67 -27.49
CA VAL D 68 -38.19 -6.66 -27.87
C VAL D 68 -38.80 -7.85 -28.61
N GLU D 69 -39.90 -8.37 -28.07
CA GLU D 69 -40.62 -9.48 -28.68
C GLU D 69 -41.24 -9.06 -30.01
N ARG D 70 -41.13 -7.76 -30.31
CA ARG D 70 -41.67 -7.19 -31.53
C ARG D 70 -40.52 -6.88 -32.50
N GLU D 71 -39.30 -7.21 -32.07
CA GLU D 71 -38.09 -6.87 -32.81
C GLU D 71 -38.02 -5.37 -33.09
N ALA D 72 -38.43 -4.58 -32.11
CA ALA D 72 -38.46 -3.13 -32.24
C ALA D 72 -37.51 -2.48 -31.25
N ALA D 73 -36.86 -3.32 -30.44
CA ALA D 73 -35.92 -2.83 -29.43
C ALA D 73 -34.94 -3.92 -29.02
N ARG D 74 -33.92 -3.52 -28.26
CA ARG D 74 -33.01 -4.50 -27.68
C ARG D 74 -32.60 -4.12 -26.27
N ARG D 75 -32.49 -5.09 -25.38
CA ARG D 75 -32.07 -4.81 -24.02
C ARG D 75 -30.61 -4.35 -23.99
N VAL D 76 -30.32 -3.44 -23.06
CA VAL D 76 -28.95 -2.99 -22.84
C VAL D 76 -28.63 -3.17 -21.36
N ARG D 77 -27.65 -4.02 -21.08
CA ARG D 77 -27.25 -4.27 -19.70
C ARG D 77 -26.24 -3.25 -19.21
N ILE D 78 -26.57 -2.58 -18.10
CA ILE D 78 -25.69 -1.58 -17.51
C ILE D 78 -25.14 -2.09 -16.19
N PHE D 79 -23.93 -2.67 -16.24
CA PHE D 79 -23.27 -3.17 -15.05
C PHE D 79 -22.86 -2.02 -14.13
N LEU D 80 -23.31 -2.09 -12.88
CA LEU D 80 -23.03 -1.04 -11.90
C LEU D 80 -22.28 -1.59 -10.69
S SO4 E . 10.24 8.66 22.40
O1 SO4 E . 10.06 7.36 21.75
O2 SO4 E . 9.05 9.46 22.22
O3 SO4 E . 10.49 8.47 23.83
O4 SO4 E . 11.38 9.36 21.80
S SO4 F . 48.43 -0.68 26.66
O1 SO4 F . 48.87 -1.23 25.38
O2 SO4 F . 47.09 -0.12 26.50
O3 SO4 F . 49.35 0.38 27.09
O4 SO4 F . 48.43 -1.75 27.66
S SO4 G . 48.34 -15.02 12.75
O1 SO4 G . 47.59 -15.28 13.98
O2 SO4 G . 47.45 -15.21 11.61
O3 SO4 G . 49.45 -15.95 12.66
O4 SO4 G . 48.85 -13.65 12.78
S SO4 H . -22.01 23.22 -31.78
O1 SO4 H . -22.12 21.78 -31.67
O2 SO4 H . -23.04 23.73 -32.69
O3 SO4 H . -22.21 23.83 -30.46
O4 SO4 H . -20.69 23.58 -32.29
S SO4 I . -45.68 -10.64 12.53
O1 SO4 I . -46.17 -12.01 12.57
O2 SO4 I . -46.26 -9.96 11.38
O3 SO4 I . -46.07 -9.92 13.74
O4 SO4 I . -44.22 -10.66 12.41
#